data_5X8Q
#
_entry.id   5X8Q
#
_cell.length_a   79.630
_cell.length_b   71.940
_cell.length_c   99.210
_cell.angle_alpha   90.00
_cell.angle_beta   90.06
_cell.angle_gamma   90.00
#
_symmetry.space_group_name_H-M   'P 1 21 1'
#
loop_
_entity.id
_entity.type
_entity.pdbx_description
1 polymer 'Nuclear receptor ROR-gamma'
2 polymer 'Nuclear receptor corepressor 2'
3 non-polymer "(1R,2S,4S,5'R,6R,7S,8R,9S,10R,12S,13S,16S,18S)-5',7,9,13-tetramethylspiro[5-oxapentacyclo[10.8.0.0^{2,9}.0^{4,8}.0^{13,18}]icosane-6,2'-oxane]-10,16-diol"
4 water water
#
loop_
_entity_poly.entity_id
_entity_poly.type
_entity_poly.pdbx_seq_one_letter_code
_entity_poly.pdbx_strand_id
1 'polypeptide(L)'
;EAPYASLTEIEHLVQSVCKSYRETCQLRLEDLLRQRSNIFSREEVTGYQRKSMWEMWERCAHHLTEAIQYVVEFAKRLSG
FMELCQNDQIVLLKAGAMEVVLVRMCRAYNADNRTVFFEGKYGGMELFRALGCSELISSIFDFSHSLSALHFSEDEIALY
TALVLINAHRPGLQEKRKVEQLQYNLELAFHHHLCKTHRQSILAKLPPAGKLASLCSQHVERLQIFQHLHPIVVQAAFPP
LYKELFSTETESPVGLSK
;
A,C,E,G
2 'polypeptide(L)' TNMGLEAIIRKALMGKYDQWEE B,D,F,H
#
loop_
_chem_comp.id
_chem_comp.type
_chem_comp.name
_chem_comp.formula
82R non-polymer (1R,2S,4S,5'R,6R,7S,8R,9S,10R,12S,13S,16S,18S)-5',7,9,13-tetramethylspiro[5-oxapentacyclo[10.8.0.0^{2,9}.0^{4,8}.0^{13,18}]icosane-6,2'-oxane]-10,16-diol 'C27 H44 O4'
#
# COMPACT_ATOMS: atom_id res chain seq x y z
N SER A 6 -16.92 -32.78 -26.06
CA SER A 6 -15.57 -32.78 -26.68
C SER A 6 -14.47 -32.74 -25.62
N LEU A 7 -13.22 -32.90 -26.06
CA LEU A 7 -12.05 -32.89 -25.18
C LEU A 7 -11.88 -31.52 -24.52
N THR A 8 -11.99 -30.46 -25.32
CA THR A 8 -11.92 -29.09 -24.81
C THR A 8 -13.11 -28.76 -23.90
N GLU A 9 -14.27 -29.40 -24.13
CA GLU A 9 -15.45 -29.24 -23.29
C GLU A 9 -15.24 -29.77 -21.86
N ILE A 10 -14.68 -30.97 -21.76
CA ILE A 10 -14.23 -31.58 -20.49
C ILE A 10 -13.12 -30.72 -19.85
N GLU A 11 -12.22 -30.20 -20.69
CA GLU A 11 -11.17 -29.34 -20.20
C GLU A 11 -11.69 -28.01 -19.65
N HIS A 12 -12.79 -27.52 -20.25
CA HIS A 12 -13.47 -26.31 -19.79
C HIS A 12 -13.97 -26.46 -18.38
N LEU A 13 -14.68 -27.57 -18.13
CA LEU A 13 -15.31 -27.82 -16.86
C LEU A 13 -14.23 -27.96 -15.73
N VAL A 14 -13.14 -28.66 -16.04
CA VAL A 14 -12.01 -28.82 -15.10
C VAL A 14 -11.44 -27.49 -14.69
N GLN A 15 -11.16 -26.63 -15.67
CA GLN A 15 -10.60 -25.30 -15.36
C GLN A 15 -11.62 -24.38 -14.66
N SER A 16 -12.89 -24.53 -14.97
CA SER A 16 -13.96 -23.73 -14.34
C SER A 16 -14.23 -24.14 -12.84
N VAL A 17 -14.12 -25.44 -12.56
CA VAL A 17 -14.21 -25.96 -11.17
C VAL A 17 -13.04 -25.47 -10.39
N CYS A 18 -11.84 -25.51 -11.00
CA CYS A 18 -10.63 -24.90 -10.42
C CYS A 18 -10.75 -23.39 -10.18
N LYS A 19 -11.33 -22.69 -11.14
CA LYS A 19 -11.58 -21.25 -10.98
C LYS A 19 -12.48 -20.99 -9.75
N SER A 20 -13.59 -21.72 -9.68
CA SER A 20 -14.56 -21.60 -8.59
C SER A 20 -13.91 -21.91 -7.25
N TYR A 21 -13.06 -22.94 -7.24
CA TYR A 21 -12.25 -23.26 -6.04
C TYR A 21 -11.30 -22.13 -5.68
N ARG A 22 -10.55 -21.60 -6.65
CA ARG A 22 -9.60 -20.48 -6.37
C ARG A 22 -10.30 -19.27 -5.74
N GLU A 23 -11.52 -18.99 -6.22
CA GLU A 23 -12.25 -17.81 -5.81
C GLU A 23 -12.87 -17.99 -4.42
N THR A 24 -13.06 -19.24 -3.95
CA THR A 24 -13.83 -19.49 -2.73
C THR A 24 -13.00 -20.18 -1.62
N CYS A 25 -11.68 -20.26 -1.78
CA CYS A 25 -10.86 -21.10 -0.88
C CYS A 25 -10.26 -20.31 0.26
N GLN A 26 -10.67 -19.03 0.39
CA GLN A 26 -10.46 -18.16 1.58
C GLN A 26 -9.07 -17.60 1.62
N LEU A 27 -8.09 -18.50 1.58
CA LEU A 27 -6.70 -18.14 1.51
C LEU A 27 -6.02 -18.84 0.32
N ARG A 28 -5.08 -18.13 -0.31
CA ARG A 28 -4.29 -18.62 -1.42
C ARG A 28 -3.22 -19.59 -0.92
N LEU A 29 -3.05 -20.68 -1.63
CA LEU A 29 -2.05 -21.71 -1.28
C LEU A 29 -0.65 -21.10 -1.13
N GLU A 30 -0.26 -20.18 -2.02
CA GLU A 30 1.06 -19.57 -2.00
C GLU A 30 1.26 -18.76 -0.73
N ASP A 31 0.25 -18.02 -0.30
CA ASP A 31 0.30 -17.37 1.03
C ASP A 31 0.49 -18.33 2.20
N LEU A 32 -0.20 -19.46 2.12
CA LEU A 32 -0.14 -20.49 3.14
C LEU A 32 1.22 -21.09 3.20
N LEU A 33 1.78 -21.34 2.00
CA LEU A 33 3.13 -21.95 1.87
C LEU A 33 4.22 -20.99 2.31
N ARG A 34 4.06 -19.72 2.00
CA ARG A 34 5.02 -18.67 2.37
C ARG A 34 5.11 -18.44 3.90
N GLN A 35 4.07 -18.86 4.63
CA GLN A 35 3.96 -18.53 6.03
C GLN A 35 4.34 -19.70 6.91
N ARG A 36 4.91 -20.76 6.30
CA ARG A 36 5.32 -21.98 7.03
C ARG A 36 6.35 -21.70 8.09
N SER A 37 7.17 -20.67 7.88
CA SER A 37 8.22 -20.30 8.86
C SER A 37 7.63 -19.54 10.03
N ASN A 38 6.48 -18.90 9.81
CA ASN A 38 5.84 -18.10 10.86
C ASN A 38 5.07 -19.02 11.84
N ILE A 39 5.69 -19.35 12.97
CA ILE A 39 5.18 -20.32 13.92
C ILE A 39 4.92 -19.62 15.23
N PHE A 40 3.78 -19.99 15.88
CA PHE A 40 3.48 -19.54 17.24
C PHE A 40 4.61 -19.85 18.20
N SER A 41 4.99 -18.87 19.03
CA SER A 41 5.99 -19.06 20.09
C SER A 41 5.40 -19.87 21.20
N ARG A 42 6.23 -20.31 22.13
CA ARG A 42 5.78 -21.08 23.27
C ARG A 42 4.85 -20.28 24.10
N GLU A 43 5.20 -19.00 24.27
CA GLU A 43 4.40 -17.99 24.93
C GLU A 43 3.03 -17.95 24.25
N GLU A 44 2.97 -17.90 22.92
CA GLU A 44 1.69 -17.74 22.18
C GLU A 44 0.82 -19.00 22.31
N VAL A 45 1.47 -20.16 22.33
CA VAL A 45 0.82 -21.49 22.59
C VAL A 45 0.14 -21.51 23.96
N THR A 46 0.88 -21.02 24.95
CA THR A 46 0.44 -20.93 26.34
C THR A 46 -0.74 -19.97 26.48
N GLY A 47 -0.72 -18.89 25.71
CA GLY A 47 -1.85 -17.96 25.59
C GLY A 47 -3.17 -18.62 25.14
N TYR A 48 -3.10 -19.40 24.06
CA TYR A 48 -4.27 -20.16 23.56
C TYR A 48 -4.72 -21.21 24.57
N GLN A 49 -3.75 -21.87 25.21
CA GLN A 49 -4.08 -22.96 26.16
C GLN A 49 -4.72 -22.46 27.44
N ARG A 50 -4.43 -21.22 27.79
CA ARG A 50 -5.00 -20.68 29.00
C ARG A 50 -6.38 -20.00 28.75
N LYS A 51 -6.87 -20.02 27.49
CA LYS A 51 -8.25 -19.60 27.21
C LYS A 51 -9.28 -20.54 27.80
N SER A 52 -10.46 -20.02 28.14
CA SER A 52 -11.57 -20.92 28.58
C SER A 52 -12.00 -21.78 27.45
N MET A 53 -12.50 -22.97 27.80
CA MET A 53 -13.07 -23.92 26.90
C MET A 53 -14.11 -23.22 26.01
N TRP A 54 -14.92 -22.35 26.58
CA TRP A 54 -15.96 -21.67 25.81
C TRP A 54 -15.34 -20.66 24.84
N GLU A 55 -14.36 -19.88 25.30
N GLU A 55 -14.37 -19.90 25.28
CA GLU A 55 -13.61 -18.92 24.45
CA GLU A 55 -13.72 -18.92 24.41
C GLU A 55 -13.01 -19.58 23.20
C GLU A 55 -13.02 -19.58 23.19
N MET A 56 -12.39 -20.74 23.40
CA MET A 56 -11.70 -21.46 22.33
C MET A 56 -12.65 -22.13 21.39
N TRP A 57 -13.71 -22.77 21.94
CA TRP A 57 -14.73 -23.30 21.12
C TRP A 57 -15.50 -22.30 20.30
N GLU A 58 -15.80 -21.18 20.92
CA GLU A 58 -16.49 -20.09 20.21
C GLU A 58 -15.71 -19.64 18.99
N ARG A 59 -14.39 -19.42 19.16
CA ARG A 59 -13.49 -19.05 18.06
C ARG A 59 -13.48 -20.08 16.95
N CYS A 60 -13.25 -21.35 17.33
CA CYS A 60 -13.10 -22.39 16.33
C CYS A 60 -14.44 -22.66 15.60
N ALA A 61 -15.57 -22.51 16.28
CA ALA A 61 -16.88 -22.66 15.68
C ALA A 61 -17.19 -21.54 14.69
N HIS A 62 -16.74 -20.34 14.97
CA HIS A 62 -16.80 -19.23 14.03
C HIS A 62 -16.01 -19.54 12.76
N HIS A 63 -14.82 -20.13 12.91
CA HIS A 63 -13.98 -20.55 11.79
C HIS A 63 -14.61 -21.61 10.99
N LEU A 64 -15.13 -22.65 11.69
CA LEU A 64 -15.83 -23.73 11.05
C LEU A 64 -17.03 -23.27 10.30
N THR A 65 -17.73 -22.33 10.90
CA THR A 65 -18.95 -21.70 10.26
C THR A 65 -18.59 -20.95 9.01
N GLU A 66 -17.56 -20.11 9.11
CA GLU A 66 -17.02 -19.33 8.00
C GLU A 66 -16.59 -20.27 6.88
N ALA A 67 -15.95 -21.41 7.21
CA ALA A 67 -15.59 -22.33 6.21
C ALA A 67 -16.72 -22.90 5.45
N ILE A 68 -17.80 -23.24 6.15
CA ILE A 68 -18.98 -23.84 5.54
C ILE A 68 -19.60 -22.84 4.52
N GLN A 69 -19.65 -21.58 4.88
CA GLN A 69 -20.20 -20.49 4.00
C GLN A 69 -19.42 -20.39 2.71
N TYR A 70 -18.10 -20.64 2.79
CA TYR A 70 -17.27 -20.55 1.61
C TYR A 70 -17.37 -21.80 0.72
N VAL A 71 -17.69 -22.92 1.37
CA VAL A 71 -18.14 -24.07 0.58
C VAL A 71 -19.49 -23.86 -0.14
N VAL A 72 -20.37 -23.10 0.46
CA VAL A 72 -21.65 -22.78 -0.16
C VAL A 72 -21.41 -21.96 -1.41
N GLU A 73 -20.58 -20.95 -1.26
CA GLU A 73 -20.10 -20.11 -2.39
C GLU A 73 -19.47 -20.94 -3.51
N PHE A 74 -18.68 -21.95 -3.15
CA PHE A 74 -18.14 -22.95 -4.09
C PHE A 74 -19.22 -23.64 -4.82
N ALA A 75 -20.16 -24.24 -4.09
CA ALA A 75 -21.28 -24.93 -4.69
C ALA A 75 -22.08 -24.03 -5.66
N LYS A 76 -22.25 -22.77 -5.27
CA LYS A 76 -23.06 -21.82 -6.05
C LYS A 76 -22.48 -21.61 -7.47
N ARG A 77 -21.17 -21.74 -7.59
CA ARG A 77 -20.45 -21.51 -8.84
C ARG A 77 -20.34 -22.73 -9.73
N LEU A 78 -20.68 -23.89 -9.20
CA LEU A 78 -20.62 -25.13 -9.92
C LEU A 78 -21.79 -25.21 -10.89
N SER A 79 -21.59 -25.94 -11.99
CA SER A 79 -22.23 -25.73 -13.24
C SER A 79 -23.76 -25.71 -13.10
N GLY A 80 -24.34 -26.75 -12.57
CA GLY A 80 -25.79 -26.93 -12.56
C GLY A 80 -26.44 -26.82 -11.20
N PHE A 81 -25.74 -26.25 -10.23
CA PHE A 81 -26.15 -26.34 -8.86
C PHE A 81 -27.28 -25.45 -8.51
N MET A 82 -27.21 -24.22 -9.02
CA MET A 82 -28.29 -23.25 -8.85
C MET A 82 -29.56 -23.71 -9.61
N GLU A 83 -29.43 -24.56 -10.63
CA GLU A 83 -30.57 -25.00 -11.42
C GLU A 83 -31.41 -26.10 -10.67
N LEU A 84 -30.77 -26.80 -9.71
CA LEU A 84 -31.50 -27.74 -8.85
C LEU A 84 -32.46 -26.99 -7.93
N CYS A 85 -33.52 -27.68 -7.51
CA CYS A 85 -34.40 -27.14 -6.55
C CYS A 85 -33.70 -26.94 -5.21
N GLN A 86 -34.22 -25.98 -4.49
CA GLN A 86 -33.65 -25.54 -3.24
C GLN A 86 -33.55 -26.67 -2.34
N ASN A 87 -34.50 -27.58 -2.36
CA ASN A 87 -34.40 -28.71 -1.47
C ASN A 87 -33.16 -29.55 -1.75
N ASP A 88 -32.86 -29.80 -3.02
CA ASP A 88 -31.68 -30.58 -3.36
C ASP A 88 -30.38 -29.87 -2.97
N GLN A 89 -30.31 -28.58 -3.26
CA GLN A 89 -29.17 -27.74 -2.87
C GLN A 89 -28.83 -27.89 -1.38
N ILE A 90 -29.94 -27.91 -0.56
CA ILE A 90 -29.83 -28.00 0.89
C ILE A 90 -29.42 -29.40 1.34
N VAL A 91 -29.94 -30.41 0.66
CA VAL A 91 -29.60 -31.81 0.94
C VAL A 91 -28.12 -32.09 0.63
N LEU A 92 -27.66 -31.67 -0.53
CA LEU A 92 -26.19 -31.88 -0.96
C LEU A 92 -25.21 -31.17 -0.06
N LEU A 93 -25.52 -29.91 0.30
CA LEU A 93 -24.66 -29.15 1.15
C LEU A 93 -24.70 -29.62 2.62
N LYS A 94 -25.85 -30.07 3.10
CA LYS A 94 -25.92 -30.63 4.46
C LYS A 94 -25.06 -31.86 4.63
N ALA A 95 -25.16 -32.74 3.64
CA ALA A 95 -24.52 -34.02 3.70
C ALA A 95 -23.00 -33.93 3.43
N GLY A 96 -22.49 -32.84 2.82
CA GLY A 96 -21.24 -32.76 2.13
C GLY A 96 -20.29 -31.67 2.56
N ALA A 97 -20.83 -30.58 3.14
CA ALA A 97 -20.03 -29.40 3.27
C ALA A 97 -18.91 -29.59 4.31
N MET A 98 -19.20 -30.23 5.41
CA MET A 98 -18.13 -30.29 6.48
C MET A 98 -16.99 -31.24 6.06
N GLU A 99 -17.31 -32.28 5.32
CA GLU A 99 -16.34 -33.11 4.67
C GLU A 99 -15.44 -32.26 3.70
N VAL A 100 -16.07 -31.42 2.84
CA VAL A 100 -15.31 -30.50 1.98
C VAL A 100 -14.43 -29.58 2.78
N VAL A 101 -14.96 -29.09 3.90
CA VAL A 101 -14.15 -28.20 4.80
C VAL A 101 -12.85 -28.87 5.33
N LEU A 102 -12.98 -30.10 5.76
CA LEU A 102 -11.86 -30.80 6.35
C LEU A 102 -10.84 -31.19 5.24
N VAL A 103 -11.29 -31.46 3.98
CA VAL A 103 -10.39 -31.73 2.86
C VAL A 103 -9.68 -30.47 2.49
N ARG A 104 -10.42 -29.34 2.38
CA ARG A 104 -9.75 -28.01 2.18
C ARG A 104 -8.69 -27.71 3.22
N MET A 105 -8.89 -28.19 4.42
CA MET A 105 -8.02 -27.92 5.53
C MET A 105 -6.59 -28.40 5.32
N CYS A 106 -6.40 -29.46 4.54
CA CYS A 106 -5.07 -30.03 4.30
C CYS A 106 -4.06 -29.04 3.69
N ARG A 107 -4.55 -28.14 2.86
N ARG A 107 -4.60 -28.07 2.97
CA ARG A 107 -3.76 -27.11 2.27
CA ARG A 107 -3.83 -27.06 2.33
C ARG A 107 -3.11 -26.23 3.33
C ARG A 107 -3.09 -26.26 3.35
N ALA A 108 -3.74 -26.00 4.48
CA ALA A 108 -3.09 -25.19 5.52
C ALA A 108 -2.33 -26.07 6.52
N TYR A 109 -2.18 -27.33 6.21
CA TYR A 109 -1.46 -28.24 7.10
C TYR A 109 -0.01 -28.47 6.60
N ASN A 110 0.95 -28.31 7.49
CA ASN A 110 2.37 -28.63 7.15
C ASN A 110 2.74 -29.98 7.72
N ALA A 111 3.00 -30.93 6.85
CA ALA A 111 3.29 -32.28 7.24
C ALA A 111 4.71 -32.47 7.80
N ASP A 112 5.64 -31.54 7.52
CA ASP A 112 7.09 -31.62 8.01
C ASP A 112 7.13 -31.44 9.52
N ASN A 113 6.46 -30.47 10.09
CA ASN A 113 6.47 -30.13 11.48
C ASN A 113 5.07 -30.45 12.21
N ARG A 114 4.13 -31.12 11.52
CA ARG A 114 2.81 -31.49 12.07
C ARG A 114 2.09 -30.25 12.65
N THR A 115 2.02 -29.14 11.89
CA THR A 115 1.34 -27.95 12.30
C THR A 115 0.29 -27.50 11.28
N VAL A 116 -0.59 -26.56 11.66
CA VAL A 116 -1.60 -26.07 10.76
C VAL A 116 -1.70 -24.60 10.87
N PHE A 117 -2.05 -23.94 9.78
CA PHE A 117 -2.24 -22.47 9.80
C PHE A 117 -3.58 -22.10 10.50
N PHE A 118 -3.48 -21.43 11.64
CA PHE A 118 -4.62 -21.07 12.46
C PHE A 118 -4.45 -19.70 12.99
N GLU A 119 -5.32 -18.80 12.57
CA GLU A 119 -5.31 -17.39 13.01
C GLU A 119 -3.92 -16.74 12.87
N GLY A 120 -3.26 -16.98 11.75
CA GLY A 120 -2.13 -16.08 11.26
C GLY A 120 -0.76 -16.69 11.49
N LYS A 121 -0.73 -17.88 12.10
CA LYS A 121 0.52 -18.57 12.37
C LYS A 121 0.29 -20.06 12.40
N TYR A 122 1.34 -20.81 12.15
CA TYR A 122 1.30 -22.25 12.25
C TYR A 122 1.48 -22.72 13.64
N GLY A 123 0.59 -23.70 14.07
CA GLY A 123 0.72 -24.30 15.41
C GLY A 123 0.36 -25.75 15.43
N GLY A 124 0.88 -26.48 16.43
CA GLY A 124 0.56 -27.90 16.55
C GLY A 124 -0.71 -28.17 17.32
N MET A 125 -0.94 -29.46 17.63
CA MET A 125 -2.15 -29.93 18.32
C MET A 125 -2.35 -29.27 19.67
N GLU A 126 -1.23 -28.91 20.28
CA GLU A 126 -1.12 -28.33 21.60
C GLU A 126 -1.83 -27.06 21.72
N LEU A 127 -1.91 -26.34 20.60
CA LEU A 127 -2.59 -25.04 20.57
C LEU A 127 -4.09 -25.19 21.00
N PHE A 128 -4.65 -26.37 20.79
CA PHE A 128 -6.05 -26.65 20.85
C PHE A 128 -6.41 -27.44 22.08
N ARG A 129 -5.59 -27.33 23.14
CA ARG A 129 -5.82 -28.06 24.36
C ARG A 129 -7.07 -27.67 25.12
N ALA A 130 -7.41 -26.36 25.01
CA ALA A 130 -8.55 -25.79 25.73
C ALA A 130 -9.87 -26.29 25.18
N LEU A 131 -9.90 -26.82 23.93
CA LEU A 131 -11.11 -27.41 23.36
C LEU A 131 -11.58 -28.66 24.10
N GLY A 132 -10.65 -29.31 24.81
CA GLY A 132 -10.99 -30.48 25.56
C GLY A 132 -11.35 -31.66 24.72
N CYS A 133 -10.80 -31.78 23.51
N CYS A 133 -10.83 -31.78 23.50
CA CYS A 133 -11.10 -32.91 22.60
CA CYS A 133 -11.11 -32.93 22.62
C CYS A 133 -9.85 -33.27 21.84
C CYS A 133 -9.86 -33.28 21.84
N SER A 134 -8.89 -33.78 22.60
CA SER A 134 -7.53 -34.14 22.09
C SER A 134 -7.57 -35.20 21.01
N GLU A 135 -8.49 -36.14 21.16
CA GLU A 135 -8.69 -37.20 20.22
C GLU A 135 -9.24 -36.70 18.86
N LEU A 136 -10.16 -35.72 18.88
CA LEU A 136 -10.71 -35.21 17.70
C LEU A 136 -9.65 -34.40 16.90
N ILE A 137 -8.92 -33.61 17.61
CA ILE A 137 -7.83 -32.79 17.09
C ILE A 137 -6.75 -33.70 16.47
N SER A 138 -6.39 -34.74 17.15
CA SER A 138 -5.39 -35.68 16.69
C SER A 138 -5.82 -36.37 15.40
N SER A 139 -7.06 -36.76 15.36
CA SER A 139 -7.67 -37.40 14.23
C SER A 139 -7.75 -36.50 13.06
N ILE A 140 -8.03 -35.23 13.30
CA ILE A 140 -8.13 -34.27 12.20
C ILE A 140 -6.74 -33.97 11.59
N PHE A 141 -5.74 -33.79 12.46
CA PHE A 141 -4.30 -33.73 12.07
C PHE A 141 -3.90 -34.98 11.28
N ASP A 142 -4.37 -36.17 11.67
CA ASP A 142 -4.06 -37.33 10.89
C ASP A 142 -4.61 -37.39 9.52
N PHE A 143 -5.86 -37.00 9.44
CA PHE A 143 -6.59 -36.96 8.20
C PHE A 143 -5.90 -35.97 7.30
N SER A 144 -5.51 -34.83 7.85
CA SER A 144 -4.82 -33.82 7.07
C SER A 144 -3.47 -34.30 6.59
N HIS A 145 -2.78 -35.06 7.44
CA HIS A 145 -1.49 -35.60 7.11
C HIS A 145 -1.59 -36.58 5.95
N SER A 146 -2.57 -37.46 6.01
CA SER A 146 -2.75 -38.43 4.95
C SER A 146 -3.11 -37.74 3.65
N LEU A 147 -3.89 -36.68 3.70
CA LEU A 147 -4.25 -35.94 2.50
C LEU A 147 -3.08 -35.21 1.86
N SER A 148 -2.24 -34.60 2.68
CA SER A 148 -1.07 -33.87 2.20
C SER A 148 -0.06 -34.79 1.52
N ALA A 149 0.07 -35.99 2.05
CA ALA A 149 0.98 -36.98 1.54
C ALA A 149 0.69 -37.28 0.08
N LEU A 150 -0.57 -37.28 -0.31
CA LEU A 150 -0.94 -37.54 -1.69
C LEU A 150 -0.59 -36.41 -2.66
N HIS A 151 -0.22 -35.26 -2.12
CA HIS A 151 0.28 -34.11 -2.83
C HIS A 151 -0.64 -33.71 -3.96
N PHE A 152 -1.90 -33.50 -3.59
CA PHE A 152 -2.95 -33.00 -4.49
C PHE A 152 -2.49 -31.80 -5.30
N SER A 153 -2.82 -31.80 -6.59
CA SER A 153 -2.92 -30.56 -7.31
C SER A 153 -4.12 -29.75 -6.88
N GLU A 154 -4.14 -28.49 -7.27
CA GLU A 154 -5.27 -27.64 -7.01
C GLU A 154 -6.45 -28.24 -7.76
N ASP A 155 -6.20 -28.73 -8.97
CA ASP A 155 -7.24 -29.32 -9.77
C ASP A 155 -7.82 -30.55 -9.10
N GLU A 156 -6.96 -31.38 -8.52
CA GLU A 156 -7.41 -32.60 -7.86
C GLU A 156 -8.31 -32.29 -6.69
N ILE A 157 -7.92 -31.31 -5.88
CA ILE A 157 -8.73 -30.90 -4.77
C ILE A 157 -10.04 -30.26 -5.23
N ALA A 158 -9.98 -29.40 -6.24
CA ALA A 158 -11.18 -28.72 -6.70
C ALA A 158 -12.19 -29.70 -7.24
N LEU A 159 -11.73 -30.61 -8.09
CA LEU A 159 -12.57 -31.65 -8.64
C LEU A 159 -13.05 -32.66 -7.60
N TYR A 160 -12.19 -33.07 -6.67
CA TYR A 160 -12.58 -34.06 -5.65
C TYR A 160 -13.58 -33.47 -4.70
N THR A 161 -13.34 -32.25 -4.25
CA THR A 161 -14.37 -31.62 -3.36
C THR A 161 -15.72 -31.39 -4.04
N ALA A 162 -15.69 -31.05 -5.35
CA ALA A 162 -16.99 -30.98 -6.14
C ALA A 162 -17.73 -32.29 -6.09
N LEU A 163 -16.98 -33.38 -6.18
CA LEU A 163 -17.58 -34.72 -6.16
C LEU A 163 -18.04 -35.12 -4.79
N VAL A 164 -17.39 -34.65 -3.72
CA VAL A 164 -17.92 -34.80 -2.38
C VAL A 164 -19.40 -34.19 -2.28
N LEU A 165 -19.57 -32.99 -2.88
CA LEU A 165 -20.86 -32.29 -2.83
C LEU A 165 -21.86 -32.89 -3.71
N ILE A 166 -21.48 -33.05 -4.98
CA ILE A 166 -22.40 -33.49 -6.02
C ILE A 166 -22.53 -35.00 -6.05
N ASN A 167 -23.48 -35.53 -5.33
CA ASN A 167 -23.67 -36.95 -5.03
C ASN A 167 -25.13 -37.38 -5.04
N ALA A 168 -25.51 -38.22 -6.00
CA ALA A 168 -26.92 -38.51 -6.27
C ALA A 168 -27.50 -39.54 -5.34
N HIS A 169 -26.71 -39.91 -4.32
CA HIS A 169 -27.06 -40.99 -3.44
C HIS A 169 -27.54 -40.45 -2.07
N ARG A 170 -27.47 -39.15 -1.87
CA ARG A 170 -27.89 -38.52 -0.57
C ARG A 170 -29.43 -38.70 -0.35
N PRO A 171 -29.84 -39.31 0.80
CA PRO A 171 -31.26 -39.50 1.12
C PRO A 171 -32.02 -38.16 1.07
N GLY A 172 -33.11 -38.11 0.29
CA GLY A 172 -34.07 -37.03 0.35
C GLY A 172 -33.90 -36.02 -0.74
N LEU A 173 -33.33 -36.47 -1.87
CA LEU A 173 -33.33 -35.67 -3.10
C LEU A 173 -34.64 -35.75 -3.82
N GLN A 174 -35.07 -34.67 -4.45
CA GLN A 174 -36.30 -34.71 -5.20
C GLN A 174 -36.05 -34.95 -6.69
N GLU A 175 -34.87 -34.58 -7.15
CA GLU A 175 -34.52 -34.72 -8.54
C GLU A 175 -33.18 -35.45 -8.69
N LYS A 176 -33.21 -36.74 -8.38
CA LYS A 176 -32.06 -37.67 -8.41
C LYS A 176 -31.35 -37.61 -9.77
N ARG A 177 -32.14 -37.55 -10.85
CA ARG A 177 -31.62 -37.66 -12.20
C ARG A 177 -30.77 -36.47 -12.55
N LYS A 178 -31.20 -35.31 -12.06
CA LYS A 178 -30.51 -34.09 -12.32
C LYS A 178 -29.20 -34.04 -11.55
N VAL A 179 -29.18 -34.62 -10.35
CA VAL A 179 -27.94 -34.78 -9.62
C VAL A 179 -27.01 -35.78 -10.28
N GLU A 180 -27.57 -36.89 -10.77
CA GLU A 180 -26.79 -37.92 -11.43
C GLU A 180 -26.07 -37.41 -12.65
N GLN A 181 -26.72 -36.60 -13.46
CA GLN A 181 -26.08 -36.05 -14.64
C GLN A 181 -24.87 -35.15 -14.23
N LEU A 182 -25.08 -34.33 -13.23
CA LEU A 182 -24.05 -33.45 -12.69
C LEU A 182 -22.90 -34.28 -12.15
N GLN A 183 -23.22 -35.31 -11.40
CA GLN A 183 -22.17 -36.17 -10.87
C GLN A 183 -21.38 -36.89 -11.97
N TYR A 184 -22.07 -37.41 -12.98
CA TYR A 184 -21.44 -38.12 -14.08
C TYR A 184 -20.51 -37.22 -14.88
N ASN A 185 -20.98 -36.04 -15.20
CA ASN A 185 -20.18 -35.09 -15.90
C ASN A 185 -18.87 -34.72 -15.18
N LEU A 186 -18.94 -34.58 -13.87
CA LEU A 186 -17.76 -34.35 -13.07
C LEU A 186 -16.87 -35.59 -13.06
N GLU A 187 -17.47 -36.78 -12.96
CA GLU A 187 -16.69 -38.00 -12.95
C GLU A 187 -15.96 -38.17 -14.26
N LEU A 188 -16.64 -37.87 -15.36
CA LEU A 188 -16.04 -37.99 -16.66
C LEU A 188 -14.85 -37.03 -16.75
N ALA A 189 -15.06 -35.80 -16.31
CA ALA A 189 -14.00 -34.81 -16.33
C ALA A 189 -12.84 -35.17 -15.42
N PHE A 190 -13.13 -35.64 -14.22
CA PHE A 190 -12.08 -36.02 -13.29
C PHE A 190 -11.29 -37.21 -13.81
N HIS A 191 -12.00 -38.16 -14.41
CA HIS A 191 -11.38 -39.34 -14.95
C HIS A 191 -10.39 -39.00 -16.05
N HIS A 192 -10.78 -38.11 -16.95
CA HIS A 192 -9.86 -37.68 -18.03
C HIS A 192 -8.61 -37.01 -17.46
N HIS A 193 -8.78 -36.10 -16.52
CA HIS A 193 -7.69 -35.39 -15.90
C HIS A 193 -6.74 -36.32 -15.16
N LEU A 194 -7.27 -37.31 -14.48
CA LEU A 194 -6.43 -38.26 -13.74
C LEU A 194 -5.63 -39.16 -14.71
N CYS A 195 -6.26 -39.54 -15.84
CA CYS A 195 -5.66 -40.39 -16.85
C CYS A 195 -4.45 -39.71 -17.52
N LYS A 196 -4.64 -38.45 -17.89
CA LYS A 196 -3.64 -37.69 -18.57
C LYS A 196 -2.47 -37.29 -17.63
N THR A 197 -2.73 -37.13 -16.35
CA THR A 197 -1.69 -36.87 -15.42
C THR A 197 -1.09 -38.14 -14.84
N HIS A 198 -1.65 -39.30 -15.16
CA HIS A 198 -1.23 -40.60 -14.53
C HIS A 198 -1.48 -40.58 -12.98
N ARG A 199 -2.65 -40.11 -12.59
CA ARG A 199 -3.01 -40.05 -11.20
C ARG A 199 -4.26 -40.87 -10.84
N GLN A 200 -4.52 -41.93 -11.59
CA GLN A 200 -5.72 -42.72 -11.39
C GLN A 200 -5.85 -43.33 -10.00
N SER A 201 -4.74 -43.78 -9.46
CA SER A 201 -4.66 -44.47 -8.19
C SER A 201 -4.82 -43.70 -6.88
N ILE A 202 -4.76 -42.38 -6.89
CA ILE A 202 -4.83 -41.61 -5.67
C ILE A 202 -6.11 -41.75 -4.84
N LEU A 203 -7.23 -41.86 -5.48
CA LEU A 203 -8.53 -41.90 -4.78
C LEU A 203 -8.74 -43.24 -4.04
N ALA A 204 -7.94 -44.25 -4.40
CA ALA A 204 -7.86 -45.48 -3.58
C ALA A 204 -7.29 -45.24 -2.18
N LYS A 205 -6.50 -44.18 -2.04
CA LYS A 205 -5.64 -43.95 -0.89
C LYS A 205 -6.27 -42.96 0.11
N LEU A 206 -7.53 -42.58 -0.13
CA LEU A 206 -8.13 -41.48 0.57
C LEU A 206 -8.66 -41.93 1.91
N PRO A 207 -8.24 -41.22 2.97
CA PRO A 207 -8.66 -41.52 4.35
C PRO A 207 -10.16 -41.19 4.59
N PRO A 208 -10.83 -41.99 5.47
CA PRO A 208 -12.28 -41.80 5.71
C PRO A 208 -12.60 -40.49 6.47
N ALA A 209 -13.59 -39.73 6.00
CA ALA A 209 -13.78 -38.31 6.41
C ALA A 209 -15.20 -38.07 7.01
N GLY A 210 -16.12 -39.02 6.86
CA GLY A 210 -17.58 -38.86 7.22
C GLY A 210 -17.76 -38.74 8.70
N LYS A 211 -17.12 -39.62 9.46
CA LYS A 211 -17.19 -39.61 10.92
C LYS A 211 -16.71 -38.28 11.58
N LEU A 212 -15.56 -37.86 11.10
CA LEU A 212 -14.92 -36.70 11.63
C LEU A 212 -15.69 -35.48 11.41
N ALA A 213 -16.20 -35.36 10.19
CA ALA A 213 -17.01 -34.21 9.75
C ALA A 213 -18.27 -34.11 10.63
N SER A 214 -18.87 -35.28 10.98
CA SER A 214 -20.04 -35.34 11.81
C SER A 214 -19.74 -34.73 13.10
N LEU A 215 -18.58 -35.10 13.65
CA LEU A 215 -18.25 -34.60 15.00
C LEU A 215 -18.03 -33.07 15.00
N CYS A 216 -17.37 -32.55 13.96
CA CYS A 216 -17.24 -31.09 13.78
C CYS A 216 -18.63 -30.40 13.66
N SER A 217 -19.50 -31.03 12.90
CA SER A 217 -20.87 -30.55 12.70
C SER A 217 -21.68 -30.59 13.97
N GLN A 218 -21.50 -31.61 14.80
CA GLN A 218 -22.15 -31.74 16.09
C GLN A 218 -21.72 -30.63 17.02
N HIS A 219 -20.42 -30.35 17.04
N HIS A 219 -20.42 -30.36 17.05
CA HIS A 219 -19.89 -29.30 17.90
CA HIS A 219 -19.90 -29.30 17.91
C HIS A 219 -20.42 -27.93 17.51
C HIS A 219 -20.43 -27.93 17.51
N VAL A 220 -20.52 -27.68 16.21
CA VAL A 220 -21.03 -26.42 15.72
C VAL A 220 -22.45 -26.26 16.21
N GLU A 221 -23.25 -27.30 15.98
CA GLU A 221 -24.64 -27.31 16.47
C GLU A 221 -24.73 -27.07 18.01
N ARG A 222 -23.86 -27.70 18.76
CA ARG A 222 -23.89 -27.57 20.19
C ARG A 222 -23.65 -26.14 20.63
N LEU A 223 -22.69 -25.47 20.02
CA LEU A 223 -22.41 -24.09 20.43
C LEU A 223 -23.56 -23.15 20.13
N GLN A 224 -24.20 -23.27 18.98
CA GLN A 224 -25.36 -22.43 18.73
C GLN A 224 -26.54 -22.75 19.66
N ILE A 225 -26.74 -24.03 19.95
CA ILE A 225 -27.85 -24.52 20.82
C ILE A 225 -27.75 -23.94 22.24
N PHE A 226 -26.51 -23.84 22.75
CA PHE A 226 -26.31 -23.46 24.13
C PHE A 226 -25.84 -22.05 24.31
N GLN A 227 -25.95 -21.21 23.27
CA GLN A 227 -25.28 -19.85 23.28
C GLN A 227 -25.83 -18.89 24.39
N HIS A 228 -27.02 -19.13 24.91
CA HIS A 228 -27.65 -18.23 25.90
C HIS A 228 -27.16 -18.54 27.31
N LEU A 229 -26.48 -19.68 27.47
CA LEU A 229 -25.78 -19.98 28.73
C LEU A 229 -24.31 -19.54 28.72
N HIS A 230 -23.94 -18.74 27.75
CA HIS A 230 -22.56 -18.22 27.65
C HIS A 230 -22.58 -16.72 27.26
N PRO A 231 -21.45 -16.05 27.41
CA PRO A 231 -21.32 -14.61 27.13
C PRO A 231 -21.75 -14.21 25.73
N ILE A 232 -22.18 -12.98 25.56
CA ILE A 232 -22.66 -12.53 24.27
C ILE A 232 -21.59 -12.61 23.20
N VAL A 233 -21.97 -13.14 22.06
CA VAL A 233 -21.08 -13.34 20.92
C VAL A 233 -21.00 -12.07 20.08
N THR B 1 -27.58 -35.50 8.82
CA THR B 1 -28.80 -34.84 9.36
C THR B 1 -28.48 -34.13 10.68
N ASN B 2 -27.95 -32.91 10.52
CA ASN B 2 -27.73 -31.98 11.63
C ASN B 2 -28.34 -30.62 11.35
N MET B 3 -29.09 -30.11 12.34
CA MET B 3 -29.95 -28.95 12.16
C MET B 3 -29.17 -27.63 12.25
N GLY B 4 -28.02 -27.63 12.98
CA GLY B 4 -27.09 -26.49 13.07
C GLY B 4 -26.50 -26.03 11.73
N LEU B 5 -26.09 -27.02 10.96
CA LEU B 5 -25.48 -26.82 9.68
C LEU B 5 -26.48 -26.31 8.65
N GLU B 6 -27.72 -26.86 8.69
CA GLU B 6 -28.79 -26.48 7.80
C GLU B 6 -29.10 -24.99 7.87
N ALA B 7 -29.06 -24.45 9.09
CA ALA B 7 -29.32 -23.05 9.33
C ALA B 7 -28.28 -22.14 8.72
N ILE B 8 -26.99 -22.50 8.91
CA ILE B 8 -25.87 -21.78 8.28
C ILE B 8 -26.05 -21.80 6.78
N ILE B 9 -26.34 -23.01 6.20
CA ILE B 9 -26.41 -23.25 4.78
C ILE B 9 -27.57 -22.52 4.13
N ARG B 10 -28.72 -22.52 4.83
CA ARG B 10 -29.92 -21.77 4.37
C ARG B 10 -29.65 -20.29 4.27
N LYS B 11 -29.08 -19.73 5.33
CA LYS B 11 -28.69 -18.31 5.42
C LYS B 11 -27.69 -17.93 4.33
N ALA B 12 -26.77 -18.83 4.01
CA ALA B 12 -25.71 -18.59 3.06
C ALA B 12 -26.27 -18.66 1.61
N LEU B 13 -27.33 -19.45 1.38
CA LEU B 13 -27.81 -19.69 0.03
C LEU B 13 -28.56 -18.52 -0.54
N MET B 14 -29.08 -17.66 0.33
CA MET B 14 -29.75 -16.42 -0.08
C MET B 14 -28.77 -15.38 -0.60
N GLY B 15 -29.10 -14.76 -1.73
CA GLY B 15 -28.49 -13.47 -2.14
C GLY B 15 -27.49 -13.59 -3.28
N SER C 6 12.42 8.19 1.19
CA SER C 6 10.98 8.03 1.14
C SER C 6 10.53 6.69 0.61
N LEU C 7 9.35 6.26 1.04
CA LEU C 7 8.79 4.98 0.64
C LEU C 7 8.54 4.94 -0.84
N THR C 8 8.01 6.04 -1.37
CA THR C 8 7.73 6.10 -2.79
C THR C 8 9.01 6.01 -3.61
N GLU C 9 10.07 6.66 -3.16
CA GLU C 9 11.32 6.61 -3.89
C GLU C 9 11.82 5.18 -3.97
N ILE C 10 11.71 4.48 -2.88
CA ILE C 10 12.09 3.10 -2.84
C ILE C 10 11.07 2.36 -3.68
N GLU C 11 9.82 2.76 -3.56
CA GLU C 11 8.77 2.10 -4.31
C GLU C 11 8.99 2.24 -5.80
N HIS C 12 9.42 3.42 -6.22
CA HIS C 12 9.63 3.62 -7.63
C HIS C 12 10.70 2.66 -8.13
N LEU C 13 11.73 2.43 -7.32
CA LEU C 13 12.74 1.52 -7.72
C LEU C 13 12.19 0.11 -7.72
N VAL C 14 11.43 -0.24 -6.70
CA VAL C 14 10.85 -1.57 -6.65
C VAL C 14 9.84 -1.81 -7.75
N GLN C 15 9.01 -0.82 -8.03
CA GLN C 15 8.00 -1.01 -9.01
C GLN C 15 8.59 -1.22 -10.38
N SER C 16 9.74 -0.61 -10.62
CA SER C 16 10.39 -0.67 -11.91
C SER C 16 11.10 -1.99 -12.13
N VAL C 17 11.77 -2.46 -11.13
CA VAL C 17 12.42 -3.77 -11.16
C VAL C 17 11.38 -4.85 -11.39
N CYS C 18 10.22 -4.69 -10.79
CA CYS C 18 9.15 -5.67 -11.00
C CYS C 18 8.49 -5.57 -12.39
N LYS C 19 8.37 -4.38 -12.84
CA LYS C 19 7.85 -4.15 -14.16
C LYS C 19 8.81 -4.78 -15.15
N SER C 20 10.10 -4.58 -14.90
CA SER C 20 11.11 -5.06 -15.80
C SER C 20 11.07 -6.58 -15.83
N TYR C 21 10.86 -7.20 -14.67
CA TYR C 21 10.77 -8.64 -14.60
C TYR C 21 9.57 -9.13 -15.39
N ARG C 22 8.44 -8.47 -15.25
CA ARG C 22 7.20 -8.88 -15.96
C ARG C 22 7.39 -8.90 -17.45
N GLU C 23 8.08 -7.85 -17.94
CA GLU C 23 8.30 -7.58 -19.34
C GLU C 23 9.25 -8.59 -19.98
N THR C 24 10.10 -9.19 -19.21
CA THR C 24 11.28 -9.91 -19.75
C THR C 24 11.33 -11.39 -19.32
N CYS C 25 10.27 -11.86 -18.66
CA CYS C 25 10.33 -13.18 -18.02
C CYS C 25 9.83 -14.30 -18.90
N GLN C 26 9.58 -13.95 -20.17
CA GLN C 26 9.29 -14.92 -21.26
C GLN C 26 7.91 -15.50 -21.21
N LEU C 27 7.60 -16.12 -20.08
CA LEU C 27 6.34 -16.80 -19.83
C LEU C 27 5.67 -16.23 -18.56
N ARG C 28 4.35 -16.01 -18.67
CA ARG C 28 3.53 -15.55 -17.55
C ARG C 28 3.32 -16.69 -16.56
N LEU C 29 3.34 -16.35 -15.28
CA LEU C 29 3.23 -17.34 -14.19
C LEU C 29 1.92 -18.11 -14.28
N GLU C 30 0.82 -17.37 -14.60
CA GLU C 30 -0.53 -17.94 -14.71
C GLU C 30 -0.57 -19.06 -15.72
N ASP C 31 0.13 -18.88 -16.85
CA ASP C 31 0.18 -19.88 -17.93
C ASP C 31 0.96 -21.10 -17.49
N LEU C 32 2.06 -20.89 -16.79
CA LEU C 32 2.89 -21.99 -16.30
C LEU C 32 2.17 -22.90 -15.27
N LEU C 33 1.43 -22.26 -14.36
CA LEU C 33 0.62 -22.96 -13.38
C LEU C 33 -0.65 -23.67 -14.00
N ARG C 34 -1.30 -23.01 -14.98
CA ARG C 34 -2.36 -23.62 -15.86
C ARG C 34 -1.92 -24.94 -16.51
N GLN C 35 -0.67 -24.96 -16.89
CA GLN C 35 -0.21 -25.96 -17.84
C GLN C 35 0.33 -27.16 -17.11
N ARG C 36 0.27 -27.15 -15.78
CA ARG C 36 0.89 -28.16 -14.93
C ARG C 36 0.36 -29.55 -15.19
N SER C 37 -0.92 -29.62 -15.54
CA SER C 37 -1.59 -30.86 -15.87
C SER C 37 -1.18 -31.41 -17.24
N ASN C 38 -0.68 -30.54 -18.11
CA ASN C 38 -0.30 -30.90 -19.45
C ASN C 38 1.15 -31.47 -19.47
N ILE C 39 1.25 -32.78 -19.31
CA ILE C 39 2.51 -33.47 -19.23
C ILE C 39 2.74 -34.28 -20.53
N PHE C 40 3.99 -34.31 -20.98
CA PHE C 40 4.41 -35.17 -22.10
C PHE C 40 4.03 -36.58 -21.84
N SER C 41 3.47 -37.22 -22.92
CA SER C 41 3.10 -38.62 -22.94
C SER C 41 4.32 -39.50 -22.98
N ARG C 42 4.10 -40.79 -22.71
CA ARG C 42 5.17 -41.78 -22.68
C ARG C 42 5.83 -41.98 -24.05
N GLU C 43 5.00 -41.83 -25.09
CA GLU C 43 5.43 -41.80 -26.48
C GLU C 43 6.29 -40.55 -26.71
N GLU C 44 5.88 -39.36 -26.25
CA GLU C 44 6.61 -38.11 -26.50
C GLU C 44 7.96 -38.08 -25.77
N VAL C 45 7.99 -38.66 -24.56
CA VAL C 45 9.20 -38.87 -23.78
C VAL C 45 10.21 -39.72 -24.56
N THR C 46 9.73 -40.82 -25.18
CA THR C 46 10.56 -41.70 -26.02
C THR C 46 11.09 -40.94 -27.27
N GLY C 47 10.19 -40.15 -27.88
CA GLY C 47 10.63 -39.23 -28.98
C GLY C 47 11.83 -38.33 -28.66
N TYR C 48 11.82 -37.72 -27.46
CA TYR C 48 12.94 -36.90 -27.00
C TYR C 48 14.16 -37.75 -26.70
N GLN C 49 13.97 -38.89 -26.07
CA GLN C 49 15.09 -39.81 -25.75
C GLN C 49 15.68 -40.43 -27.03
N ARG C 50 14.88 -40.54 -28.10
CA ARG C 50 15.35 -41.10 -29.37
C ARG C 50 16.17 -40.07 -30.16
N LYS C 51 16.19 -38.80 -29.75
CA LYS C 51 16.95 -37.76 -30.47
C LYS C 51 18.43 -37.99 -30.34
N SER C 52 19.18 -37.58 -31.36
CA SER C 52 20.65 -37.60 -31.27
C SER C 52 21.12 -36.68 -30.17
N MET C 53 22.26 -37.03 -29.58
CA MET C 53 22.92 -36.17 -28.60
C MET C 53 23.06 -34.78 -29.16
N TRP C 54 23.46 -34.68 -30.44
CA TRP C 54 23.66 -33.37 -31.05
C TRP C 54 22.34 -32.60 -31.11
N GLU C 55 21.27 -33.26 -31.56
CA GLU C 55 19.96 -32.58 -31.74
C GLU C 55 19.42 -32.03 -30.39
N MET C 56 19.51 -32.85 -29.33
CA MET C 56 19.07 -32.46 -27.98
C MET C 56 19.88 -31.32 -27.40
N TRP C 57 21.20 -31.37 -27.57
CA TRP C 57 22.05 -30.28 -27.14
C TRP C 57 21.85 -28.98 -27.90
N GLU C 58 21.61 -29.12 -29.20
CA GLU C 58 21.34 -28.02 -30.08
C GLU C 58 20.14 -27.24 -29.57
N ARG C 59 19.01 -27.91 -29.39
CA ARG C 59 17.84 -27.20 -28.89
C ARG C 59 18.00 -26.66 -27.48
N CYS C 60 18.57 -27.44 -26.58
CA CYS C 60 18.76 -26.98 -25.21
C CYS C 60 19.62 -25.73 -25.19
N ALA C 61 20.70 -25.73 -25.95
CA ALA C 61 21.56 -24.53 -26.07
C ALA C 61 20.81 -23.36 -26.62
N HIS C 62 19.96 -23.61 -27.59
CA HIS C 62 19.11 -22.54 -28.18
C HIS C 62 18.21 -21.91 -27.09
N HIS C 63 17.67 -22.72 -26.19
CA HIS C 63 16.82 -22.25 -25.06
C HIS C 63 17.63 -21.48 -24.04
N LEU C 64 18.76 -22.06 -23.62
CA LEU C 64 19.69 -21.39 -22.71
C LEU C 64 20.18 -20.04 -23.25
N THR C 65 20.48 -20.02 -24.54
CA THR C 65 20.90 -18.77 -25.28
C THR C 65 19.80 -17.73 -25.28
N GLU C 66 18.57 -18.18 -25.62
CA GLU C 66 17.39 -17.34 -25.58
C GLU C 66 17.16 -16.77 -24.18
N ALA C 67 17.30 -17.61 -23.15
CA ALA C 67 17.06 -17.22 -21.76
C ALA C 67 18.06 -16.17 -21.32
N ILE C 68 19.35 -16.36 -21.68
CA ILE C 68 20.39 -15.33 -21.45
C ILE C 68 20.01 -13.97 -22.07
N GLN C 69 19.42 -14.00 -23.27
CA GLN C 69 19.05 -12.78 -24.00
C GLN C 69 17.99 -11.98 -23.29
N TYR C 70 17.02 -12.65 -22.68
CA TYR C 70 15.93 -12.00 -21.98
C TYR C 70 16.39 -11.42 -20.64
N VAL C 71 17.45 -12.01 -20.07
CA VAL C 71 18.15 -11.46 -18.91
C VAL C 71 18.87 -10.19 -19.30
N VAL C 72 19.38 -10.13 -20.48
CA VAL C 72 20.01 -8.88 -20.97
C VAL C 72 18.98 -7.73 -21.06
N GLU C 73 17.83 -8.05 -21.64
CA GLU C 73 16.73 -7.16 -21.73
C GLU C 73 16.28 -6.70 -20.35
N PHE C 74 16.30 -7.64 -19.37
CA PHE C 74 16.03 -7.32 -17.97
C PHE C 74 16.99 -6.28 -17.43
N ALA C 75 18.29 -6.50 -17.56
CA ALA C 75 19.33 -5.59 -17.12
C ALA C 75 19.15 -4.19 -17.79
N LYS C 76 18.85 -4.16 -19.10
CA LYS C 76 18.74 -2.94 -19.84
C LYS C 76 17.67 -2.01 -19.28
N ARG C 77 16.60 -2.60 -18.75
CA ARG C 77 15.48 -1.85 -18.25
C ARG C 77 15.66 -1.44 -16.78
N LEU C 78 16.64 -1.95 -16.12
CA LEU C 78 16.98 -1.57 -14.74
C LEU C 78 17.55 -0.19 -14.66
N SER C 79 17.33 0.50 -13.54
CA SER C 79 17.44 1.94 -13.45
C SER C 79 18.78 2.50 -13.84
N GLY C 80 19.82 2.10 -13.21
CA GLY C 80 21.11 2.75 -13.40
C GLY C 80 21.96 2.13 -14.49
N PHE C 81 21.44 1.10 -15.15
CA PHE C 81 22.26 0.12 -15.85
C PHE C 81 22.79 0.65 -17.18
N MET C 82 21.95 1.26 -17.97
CA MET C 82 22.41 1.88 -19.24
C MET C 82 23.37 3.03 -19.01
N GLU C 83 23.35 3.61 -17.81
CA GLU C 83 24.23 4.73 -17.43
C GLU C 83 25.65 4.26 -17.16
N LEU C 84 25.80 3.00 -16.85
CA LEU C 84 27.13 2.41 -16.65
C LEU C 84 27.86 2.34 -17.98
N CYS C 85 29.20 2.33 -17.94
CA CYS C 85 30.00 2.15 -19.14
C CYS C 85 29.84 0.74 -19.71
N GLN C 86 30.08 0.62 -21.02
CA GLN C 86 29.71 -0.58 -21.75
C GLN C 86 30.46 -1.80 -21.22
N ASN C 87 31.75 -1.64 -20.90
CA ASN C 87 32.57 -2.68 -20.24
C ASN C 87 31.87 -3.25 -18.98
N ASP C 88 31.38 -2.37 -18.09
CA ASP C 88 30.80 -2.75 -16.81
C ASP C 88 29.46 -3.45 -16.98
N GLN C 89 28.64 -3.01 -17.95
CA GLN C 89 27.48 -3.73 -18.42
C GLN C 89 27.82 -5.17 -18.80
N ILE C 90 28.95 -5.36 -19.48
CA ILE C 90 29.35 -6.68 -19.98
C ILE C 90 29.90 -7.53 -18.86
N VAL C 91 30.67 -6.92 -17.97
CA VAL C 91 31.23 -7.61 -16.79
C VAL C 91 30.12 -8.21 -15.87
N LEU C 92 29.11 -7.39 -15.58
CA LEU C 92 28.00 -7.81 -14.69
C LEU C 92 27.18 -8.91 -15.30
N LEU C 93 26.94 -8.78 -16.60
CA LEU C 93 26.17 -9.77 -17.28
C LEU C 93 26.88 -11.11 -17.49
N LYS C 94 28.17 -11.05 -17.72
CA LYS C 94 29.00 -12.24 -17.86
C LYS C 94 29.06 -12.97 -16.57
N ALA C 95 29.25 -12.25 -15.48
CA ALA C 95 29.44 -12.87 -14.19
C ALA C 95 28.08 -13.47 -13.64
N GLY C 96 26.91 -12.95 -14.12
CA GLY C 96 25.60 -12.97 -13.39
C GLY C 96 24.46 -13.63 -14.13
N ALA C 97 24.50 -13.56 -15.49
CA ALA C 97 23.27 -13.89 -16.26
C ALA C 97 22.87 -15.35 -16.13
N MET C 98 23.86 -16.24 -16.08
CA MET C 98 23.49 -17.68 -16.17
C MET C 98 22.92 -18.17 -14.81
N GLU C 99 23.45 -17.60 -13.75
CA GLU C 99 22.85 -17.73 -12.45
C GLU C 99 21.38 -17.20 -12.41
N VAL C 100 21.16 -16.00 -12.93
CA VAL C 100 19.80 -15.46 -13.08
C VAL C 100 18.88 -16.33 -13.88
N VAL C 101 19.39 -16.89 -14.97
CA VAL C 101 18.61 -17.87 -15.78
C VAL C 101 18.22 -19.10 -14.92
N LEU C 102 19.15 -19.62 -14.10
CA LEU C 102 18.84 -20.84 -13.30
C LEU C 102 17.84 -20.53 -12.15
N VAL C 103 17.91 -19.32 -11.57
CA VAL C 103 16.92 -18.83 -10.65
C VAL C 103 15.54 -18.61 -11.36
N ARG C 104 15.49 -17.90 -12.50
CA ARG C 104 14.24 -17.79 -13.30
C ARG C 104 13.62 -19.12 -13.61
N MET C 105 14.48 -20.14 -13.77
CA MET C 105 14.02 -21.46 -14.25
C MET C 105 13.05 -22.12 -13.22
N CYS C 106 13.19 -21.77 -11.95
N CYS C 106 13.19 -21.77 -11.95
CA CYS C 106 12.43 -22.36 -10.83
CA CYS C 106 12.41 -22.36 -10.85
C CYS C 106 10.90 -22.20 -10.97
C CYS C 106 10.90 -22.21 -11.00
N ARG C 107 10.51 -21.16 -11.70
CA ARG C 107 9.14 -20.83 -11.96
C ARG C 107 8.50 -21.89 -12.81
N ALA C 108 9.25 -22.45 -13.74
CA ALA C 108 8.72 -23.48 -14.62
C ALA C 108 8.85 -24.84 -14.05
N TYR C 109 9.26 -24.93 -12.81
CA TYR C 109 9.47 -26.23 -12.15
C TYR C 109 8.28 -26.53 -11.23
N ASN C 110 7.68 -27.68 -11.41
CA ASN C 110 6.58 -28.17 -10.54
C ASN C 110 7.14 -29.13 -9.51
N ALA C 111 7.19 -28.67 -8.28
CA ALA C 111 7.85 -29.38 -7.19
C ALA C 111 7.02 -30.59 -6.70
N ASP C 112 5.70 -30.56 -6.91
CA ASP C 112 4.73 -31.69 -6.53
C ASP C 112 5.11 -32.97 -7.27
N ASN C 113 5.40 -32.87 -8.57
CA ASN C 113 5.71 -34.06 -9.36
C ASN C 113 7.11 -34.06 -10.04
N ARG C 114 8.03 -33.07 -9.65
CA ARG C 114 9.44 -32.99 -10.13
C ARG C 114 9.50 -32.97 -11.67
N THR C 115 8.73 -32.06 -12.27
CA THR C 115 8.77 -31.81 -13.68
C THR C 115 9.10 -30.37 -13.91
N VAL C 116 9.59 -30.07 -15.11
CA VAL C 116 9.80 -28.70 -15.55
C VAL C 116 9.06 -28.48 -16.83
N PHE C 117 8.60 -27.27 -17.05
CA PHE C 117 7.94 -26.93 -18.35
C PHE C 117 9.00 -26.73 -19.44
N PHE C 118 8.95 -27.57 -20.47
CA PHE C 118 9.94 -27.58 -21.53
C PHE C 118 9.25 -27.71 -22.87
N GLU C 119 9.32 -26.70 -23.73
CA GLU C 119 8.78 -26.75 -25.12
C GLU C 119 7.30 -27.16 -25.15
N GLY C 120 6.49 -26.60 -24.25
CA GLY C 120 5.04 -26.64 -24.39
C GLY C 120 4.36 -27.53 -23.36
N LYS C 121 5.11 -28.44 -22.71
CA LYS C 121 4.57 -29.40 -21.75
C LYS C 121 5.54 -29.67 -20.60
N TYR C 122 5.00 -30.33 -19.57
CA TYR C 122 5.83 -30.69 -18.44
C TYR C 122 6.44 -32.03 -18.59
N GLY C 123 7.70 -32.17 -18.12
CA GLY C 123 8.31 -33.50 -18.08
C GLY C 123 9.42 -33.60 -17.05
N GLY C 124 9.76 -34.82 -16.63
CA GLY C 124 10.84 -35.00 -15.65
C GLY C 124 12.21 -35.09 -16.26
N MET C 125 13.23 -35.37 -15.42
CA MET C 125 14.64 -35.40 -15.83
C MET C 125 14.90 -36.40 -16.96
N GLU C 126 14.04 -37.44 -17.05
CA GLU C 126 14.18 -38.52 -18.03
C GLU C 126 14.00 -38.01 -19.45
N LEU C 127 13.30 -36.88 -19.61
CA LEU C 127 13.13 -36.27 -20.91
C LEU C 127 14.48 -35.90 -21.56
N PHE C 128 15.47 -35.64 -20.74
CA PHE C 128 16.75 -35.09 -21.18
C PHE C 128 17.88 -36.12 -21.18
N ARG C 129 17.52 -37.40 -21.39
CA ARG C 129 18.46 -38.55 -21.33
C ARG C 129 19.54 -38.44 -22.40
N ALA C 130 19.14 -37.88 -23.55
CA ALA C 130 19.92 -37.87 -24.77
C ALA C 130 21.13 -36.92 -24.61
N LEU C 131 21.11 -36.01 -23.62
CA LEU C 131 22.18 -35.07 -23.39
C LEU C 131 23.43 -35.78 -22.87
N GLY C 132 23.24 -36.96 -22.25
CA GLY C 132 24.34 -37.72 -21.62
C GLY C 132 24.99 -36.94 -20.46
N CYS C 133 24.19 -36.07 -19.84
CA CYS C 133 24.63 -35.27 -18.69
C CYS C 133 23.69 -35.42 -17.52
N SER C 134 23.56 -36.67 -17.06
CA SER C 134 22.65 -37.08 -16.03
C SER C 134 22.92 -36.40 -14.70
N GLU C 135 24.20 -36.26 -14.34
CA GLU C 135 24.60 -35.65 -13.09
C GLU C 135 24.25 -34.13 -13.08
N LEU C 136 24.35 -33.46 -14.24
CA LEU C 136 24.06 -32.04 -14.37
C LEU C 136 22.53 -31.78 -14.25
N ILE C 137 21.74 -32.58 -14.95
CA ILE C 137 20.28 -32.43 -15.01
C ILE C 137 19.68 -32.67 -13.65
N SER C 138 20.12 -33.76 -12.99
CA SER C 138 19.78 -34.06 -11.62
C SER C 138 20.08 -32.92 -10.67
N SER C 139 21.27 -32.31 -10.80
CA SER C 139 21.69 -31.19 -9.93
C SER C 139 20.85 -29.94 -10.23
N ILE C 140 20.48 -29.75 -11.50
CA ILE C 140 19.59 -28.63 -11.90
C ILE C 140 18.17 -28.79 -11.33
N PHE C 141 17.67 -30.00 -11.34
CA PHE C 141 16.39 -30.33 -10.73
C PHE C 141 16.41 -30.19 -9.22
N ASP C 142 17.49 -30.61 -8.55
CA ASP C 142 17.68 -30.39 -7.10
C ASP C 142 17.64 -28.92 -6.76
N PHE C 143 18.43 -28.15 -7.51
CA PHE C 143 18.54 -26.73 -7.32
C PHE C 143 17.17 -26.09 -7.45
N SER C 144 16.45 -26.46 -8.49
CA SER C 144 15.07 -26.00 -8.71
C SER C 144 14.10 -26.43 -7.58
N HIS C 145 14.28 -27.63 -7.06
CA HIS C 145 13.50 -28.12 -5.96
C HIS C 145 13.75 -27.32 -4.69
N SER C 146 15.03 -26.97 -4.41
CA SER C 146 15.38 -26.24 -3.20
C SER C 146 14.89 -24.80 -3.28
N LEU C 147 15.03 -24.21 -4.45
CA LEU C 147 14.49 -22.88 -4.68
C LEU C 147 12.99 -22.82 -4.58
N SER C 148 12.34 -23.88 -5.03
CA SER C 148 10.88 -24.00 -4.97
C SER C 148 10.32 -23.97 -3.53
N ALA C 149 11.08 -24.53 -2.59
CA ALA C 149 10.74 -24.60 -1.17
C ALA C 149 10.67 -23.23 -0.56
N LEU C 150 11.37 -22.26 -1.14
CA LEU C 150 11.37 -20.93 -0.59
C LEU C 150 10.14 -20.11 -0.98
N HIS C 151 9.42 -20.58 -2.01
CA HIS C 151 8.15 -19.99 -2.49
C HIS C 151 8.28 -18.50 -2.70
N PHE C 152 9.35 -18.09 -3.40
CA PHE C 152 9.50 -16.69 -3.84
C PHE C 152 8.26 -16.16 -4.53
N SER C 153 7.87 -14.94 -4.20
CA SER C 153 6.95 -14.19 -5.03
C SER C 153 7.63 -13.71 -6.34
N GLU C 154 6.83 -13.14 -7.23
CA GLU C 154 7.36 -12.55 -8.45
C GLU C 154 8.23 -11.38 -8.04
N ASP C 155 7.77 -10.62 -7.06
CA ASP C 155 8.52 -9.50 -6.59
C ASP C 155 9.89 -9.91 -6.03
N GLU C 156 9.96 -11.03 -5.29
CA GLU C 156 11.19 -11.52 -4.68
C GLU C 156 12.22 -11.92 -5.73
N ILE C 157 11.76 -12.66 -6.73
CA ILE C 157 12.58 -13.11 -7.85
C ILE C 157 13.11 -11.93 -8.65
N ALA C 158 12.23 -10.95 -8.95
CA ALA C 158 12.61 -9.73 -9.62
C ALA C 158 13.70 -9.01 -8.87
N LEU C 159 13.49 -8.81 -7.57
CA LEU C 159 14.46 -8.05 -6.78
C LEU C 159 15.75 -8.84 -6.50
N TYR C 160 15.62 -10.14 -6.29
CA TYR C 160 16.80 -11.01 -6.04
C TYR C 160 17.70 -11.09 -7.33
N THR C 161 17.09 -11.29 -8.48
CA THR C 161 17.86 -11.48 -9.73
C THR C 161 18.54 -10.22 -10.16
N ALA C 162 17.93 -9.10 -9.82
CA ALA C 162 18.56 -7.83 -10.05
C ALA C 162 19.82 -7.77 -9.17
N LEU C 163 19.69 -8.25 -7.95
CA LEU C 163 20.81 -8.28 -7.03
C LEU C 163 21.90 -9.18 -7.46
N VAL C 164 21.54 -10.32 -8.12
CA VAL C 164 22.47 -11.24 -8.63
C VAL C 164 23.27 -10.53 -9.73
N LEU C 165 22.59 -9.70 -10.52
CA LEU C 165 23.20 -8.96 -11.61
C LEU C 165 24.08 -7.75 -11.13
N ILE C 166 23.52 -6.96 -10.22
CA ILE C 166 24.17 -5.76 -9.78
C ILE C 166 25.07 -6.02 -8.61
N ASN C 167 26.32 -6.30 -8.92
CA ASN C 167 27.28 -6.71 -7.90
C ASN C 167 28.62 -5.99 -8.08
N ALA C 168 29.03 -5.18 -7.09
CA ALA C 168 30.22 -4.32 -7.12
C ALA C 168 31.48 -5.13 -6.93
N HIS C 169 31.38 -6.44 -6.73
CA HIS C 169 32.56 -7.20 -6.35
C HIS C 169 33.19 -7.91 -7.56
N ARG C 170 32.51 -7.88 -8.71
CA ARG C 170 33.03 -8.57 -9.94
C ARG C 170 34.34 -7.95 -10.45
N PRO C 171 35.38 -8.80 -10.65
CA PRO C 171 36.66 -8.32 -11.23
C PRO C 171 36.47 -7.72 -12.63
N GLY C 172 37.20 -6.63 -12.89
CA GLY C 172 37.26 -6.01 -14.21
C GLY C 172 36.27 -4.88 -14.36
N LEU C 173 35.70 -4.38 -13.25
CA LEU C 173 34.81 -3.22 -13.33
C LEU C 173 35.62 -1.94 -13.36
N GLN C 174 35.13 -0.98 -14.16
CA GLN C 174 35.83 0.30 -14.34
C GLN C 174 35.35 1.29 -13.30
N GLU C 175 34.04 1.30 -13.04
CA GLU C 175 33.46 2.28 -12.11
C GLU C 175 32.71 1.58 -10.98
N LYS C 176 33.46 1.11 -10.00
CA LYS C 176 32.92 0.40 -8.86
C LYS C 176 31.97 1.24 -8.04
N ARG C 177 32.29 2.51 -7.84
CA ARG C 177 31.40 3.32 -7.03
C ARG C 177 30.01 3.43 -7.65
N LYS C 178 29.93 3.58 -8.96
CA LYS C 178 28.61 3.65 -9.57
C LYS C 178 27.88 2.34 -9.34
N VAL C 179 28.57 1.22 -9.48
CA VAL C 179 27.96 -0.09 -9.24
C VAL C 179 27.57 -0.24 -7.76
N GLU C 180 28.43 0.23 -6.87
CA GLU C 180 28.15 0.13 -5.45
C GLU C 180 26.87 0.88 -5.15
N GLN C 181 26.68 2.01 -5.81
CA GLN C 181 25.49 2.79 -5.62
C GLN C 181 24.25 2.04 -6.09
N LEU C 182 24.34 1.42 -7.25
CA LEU C 182 23.21 0.66 -7.78
C LEU C 182 22.87 -0.52 -6.89
N GLN C 183 23.90 -1.18 -6.40
CA GLN C 183 23.69 -2.30 -5.52
C GLN C 183 23.13 -1.87 -4.16
N TYR C 184 23.68 -0.80 -3.58
CA TYR C 184 23.22 -0.27 -2.27
C TYR C 184 21.74 0.08 -2.33
N ASN C 185 21.33 0.79 -3.39
CA ASN C 185 19.96 1.22 -3.56
C ASN C 185 18.99 0.05 -3.70
N LEU C 186 19.41 -1.01 -4.43
CA LEU C 186 18.52 -2.22 -4.56
C LEU C 186 18.40 -3.00 -3.28
N GLU C 187 19.46 -3.01 -2.46
CA GLU C 187 19.46 -3.66 -1.19
C GLU C 187 18.49 -2.97 -0.25
N LEU C 188 18.53 -1.63 -0.24
CA LEU C 188 17.57 -0.88 0.56
C LEU C 188 16.14 -1.11 0.13
N ALA C 189 15.92 -1.18 -1.18
CA ALA C 189 14.61 -1.51 -1.72
C ALA C 189 14.13 -2.90 -1.32
N PHE C 190 15.03 -3.89 -1.42
CA PHE C 190 14.68 -5.25 -1.17
C PHE C 190 14.50 -5.48 0.32
N HIS C 191 15.46 -5.01 1.12
CA HIS C 191 15.37 -5.07 2.58
C HIS C 191 14.03 -4.50 3.12
N HIS C 192 13.59 -3.35 2.62
CA HIS C 192 12.32 -2.76 3.02
C HIS C 192 11.15 -3.66 2.66
N HIS C 193 11.20 -4.24 1.45
CA HIS C 193 10.18 -5.15 0.99
C HIS C 193 10.16 -6.41 1.84
N LEU C 194 11.32 -6.94 2.18
CA LEU C 194 11.32 -8.14 3.04
C LEU C 194 10.81 -7.85 4.47
N CYS C 195 11.08 -6.65 4.98
CA CYS C 195 10.55 -6.20 6.29
C CYS C 195 9.02 -6.13 6.31
N LYS C 196 8.44 -5.57 5.24
CA LYS C 196 6.99 -5.40 5.12
C LYS C 196 6.22 -6.73 5.03
N THR C 197 6.90 -7.76 4.54
CA THR C 197 6.31 -9.07 4.28
C THR C 197 6.83 -10.11 5.26
N HIS C 198 7.63 -9.67 6.23
CA HIS C 198 8.25 -10.56 7.24
C HIS C 198 9.07 -11.73 6.63
N ARG C 199 9.88 -11.40 5.61
CA ARG C 199 10.59 -12.43 4.86
C ARG C 199 12.11 -12.31 4.95
N GLN C 200 12.61 -11.61 5.98
CA GLN C 200 14.03 -11.27 6.08
C GLN C 200 14.98 -12.45 6.01
N SER C 201 14.50 -13.64 6.33
CA SER C 201 15.31 -14.85 6.38
C SER C 201 15.38 -15.75 5.17
N ILE C 202 14.65 -15.44 4.12
CA ILE C 202 14.62 -16.33 2.93
C ILE C 202 15.96 -16.42 2.21
N LEU C 203 16.78 -15.39 2.37
CA LEU C 203 18.05 -15.30 1.63
C LEU C 203 19.14 -16.13 2.31
N ALA C 204 18.94 -16.53 3.57
CA ALA C 204 19.95 -17.30 4.37
C ALA C 204 20.11 -18.74 3.84
N LYS C 205 19.08 -19.26 3.20
CA LYS C 205 18.92 -20.67 2.97
C LYS C 205 19.17 -21.06 1.52
N LEU C 206 19.59 -20.08 0.70
CA LEU C 206 19.61 -20.27 -0.77
C LEU C 206 20.57 -21.38 -1.15
N PRO C 207 20.20 -22.22 -2.12
CA PRO C 207 21.13 -23.25 -2.61
C PRO C 207 22.22 -22.57 -3.47
N PRO C 208 23.47 -23.10 -3.45
CA PRO C 208 24.56 -22.55 -4.30
C PRO C 208 24.33 -22.83 -5.81
N ALA C 209 24.51 -21.82 -6.63
CA ALA C 209 24.14 -21.84 -8.04
C ALA C 209 25.37 -21.67 -8.98
N GLY C 210 26.51 -21.27 -8.43
CA GLY C 210 27.62 -20.68 -9.17
C GLY C 210 28.28 -21.74 -10.04
N LYS C 211 28.59 -22.91 -9.45
CA LYS C 211 29.16 -24.01 -10.16
C LYS C 211 28.27 -24.53 -11.32
N LEU C 212 27.01 -24.69 -10.99
CA LEU C 212 25.98 -25.22 -11.87
C LEU C 212 25.81 -24.33 -13.10
N ALA C 213 25.67 -23.02 -12.89
CA ALA C 213 25.59 -22.02 -13.97
C ALA C 213 26.85 -22.02 -14.81
N SER C 214 28.02 -22.20 -14.20
CA SER C 214 29.26 -22.23 -14.98
C SER C 214 29.32 -23.39 -15.92
N LEU C 215 28.85 -24.55 -15.47
CA LEU C 215 28.74 -25.72 -16.31
C LEU C 215 27.80 -25.47 -17.48
N CYS C 216 26.65 -24.87 -17.25
CA CYS C 216 25.67 -24.53 -18.29
C CYS C 216 26.29 -23.56 -19.33
N SER C 217 27.00 -22.56 -18.82
CA SER C 217 27.69 -21.61 -19.71
C SER C 217 28.80 -22.29 -20.54
N GLN C 218 29.49 -23.25 -19.95
CA GLN C 218 30.54 -24.00 -20.63
C GLN C 218 29.97 -24.81 -21.77
N HIS C 219 28.83 -25.43 -21.52
CA HIS C 219 28.16 -26.23 -22.52
C HIS C 219 27.72 -25.36 -23.69
N VAL C 220 27.22 -24.17 -23.39
CA VAL C 220 26.78 -23.24 -24.42
C VAL C 220 27.95 -22.84 -25.29
N GLU C 221 29.08 -22.51 -24.65
CA GLU C 221 30.33 -22.18 -25.36
C GLU C 221 30.82 -23.34 -26.24
N ARG C 222 30.72 -24.56 -25.73
CA ARG C 222 31.17 -25.75 -26.43
C ARG C 222 30.43 -25.91 -27.77
N LEU C 223 29.12 -25.69 -27.76
CA LEU C 223 28.31 -25.87 -28.95
C LEU C 223 28.62 -24.80 -29.97
N GLN C 224 28.93 -23.62 -29.52
CA GLN C 224 29.27 -22.60 -30.53
C GLN C 224 30.67 -22.72 -31.14
N ILE C 225 31.63 -23.23 -30.36
CA ILE C 225 33.03 -23.59 -30.80
C ILE C 225 32.95 -24.68 -31.90
N PHE C 226 32.09 -25.70 -31.67
CA PHE C 226 32.21 -26.92 -32.45
C PHE C 226 31.14 -27.03 -33.51
N GLN C 227 30.48 -25.90 -33.80
CA GLN C 227 29.33 -25.87 -34.73
C GLN C 227 29.65 -26.37 -36.17
N HIS C 228 30.93 -26.27 -36.55
CA HIS C 228 31.34 -26.63 -37.91
C HIS C 228 31.57 -28.14 -38.06
N LEU C 229 31.60 -28.86 -36.94
CA LEU C 229 31.63 -30.35 -36.94
C LEU C 229 30.23 -31.00 -37.04
N HIS C 230 29.21 -30.16 -36.96
CA HIS C 230 27.81 -30.59 -36.89
C HIS C 230 26.94 -29.94 -37.99
N PRO C 231 25.72 -30.53 -38.31
CA PRO C 231 24.83 -29.90 -39.30
C PRO C 231 24.47 -28.45 -38.99
N ILE C 232 24.32 -27.63 -40.01
CA ILE C 232 23.80 -26.26 -39.91
C ILE C 232 22.34 -26.31 -39.52
N VAL C 233 21.93 -25.29 -38.75
CA VAL C 233 20.63 -25.27 -38.09
C VAL C 233 19.49 -24.96 -39.09
N ASN D 2 32.75 -16.96 -19.55
CA ASN D 2 33.62 -17.15 -20.76
C ASN D 2 33.22 -16.27 -21.95
N MET D 3 33.97 -16.42 -23.06
CA MET D 3 33.79 -15.66 -24.29
C MET D 3 32.51 -16.05 -25.02
N GLY D 4 32.08 -17.30 -24.84
CA GLY D 4 30.83 -17.80 -25.42
C GLY D 4 29.56 -17.08 -24.94
N LEU D 5 29.54 -16.86 -23.63
CA LEU D 5 28.56 -16.02 -23.02
C LEU D 5 28.75 -14.56 -23.38
N GLU D 6 30.02 -14.11 -23.36
CA GLU D 6 30.39 -12.75 -23.72
C GLU D 6 29.83 -12.34 -25.07
N ALA D 7 29.83 -13.29 -26.01
CA ALA D 7 29.41 -13.08 -27.37
C ALA D 7 27.93 -12.90 -27.48
N ILE D 8 27.16 -13.81 -26.85
CA ILE D 8 25.66 -13.66 -26.69
C ILE D 8 25.30 -12.29 -26.09
N ILE D 9 26.07 -11.86 -25.07
CA ILE D 9 25.74 -10.68 -24.32
C ILE D 9 26.08 -9.41 -25.13
N ARG D 10 27.31 -9.37 -25.70
CA ARG D 10 27.75 -8.22 -26.54
C ARG D 10 26.77 -7.99 -27.68
N LYS D 11 26.29 -9.08 -28.30
CA LYS D 11 25.34 -9.02 -29.42
C LYS D 11 23.96 -8.53 -28.97
N ALA D 12 23.45 -9.07 -27.85
CA ALA D 12 22.05 -8.73 -27.36
C ALA D 12 22.00 -7.32 -26.76
N LEU D 13 23.18 -6.82 -26.24
CA LEU D 13 23.32 -5.44 -25.77
C LEU D 13 23.25 -4.44 -26.88
N MET D 14 23.62 -4.84 -28.10
CA MET D 14 23.61 -3.95 -29.26
C MET D 14 22.18 -3.77 -29.78
N GLY D 15 21.84 -2.53 -30.14
CA GLY D 15 20.48 -2.14 -30.52
C GLY D 15 20.15 -2.52 -31.96
N SER E 6 -18.52 10.71 27.41
CA SER E 6 -17.76 11.85 28.03
C SER E 6 -17.05 12.69 26.98
N LEU E 7 -16.52 13.85 27.41
CA LEU E 7 -15.73 14.76 26.54
C LEU E 7 -14.50 14.08 25.96
N THR E 8 -13.77 13.34 26.80
CA THR E 8 -12.57 12.60 26.35
C THR E 8 -12.90 11.45 25.37
N GLU E 9 -14.07 10.82 25.56
CA GLU E 9 -14.48 9.61 24.87
C GLU E 9 -14.98 9.92 23.44
N ILE E 10 -15.36 11.18 23.20
CA ILE E 10 -15.78 11.60 21.86
C ILE E 10 -14.72 12.43 21.16
N GLU E 11 -13.89 13.12 21.93
CA GLU E 11 -12.68 13.73 21.45
C GLU E 11 -11.72 12.65 20.95
N HIS E 12 -11.71 11.49 21.60
CA HIS E 12 -10.94 10.35 21.12
C HIS E 12 -11.48 9.81 19.79
N LEU E 13 -12.80 9.74 19.59
CA LEU E 13 -13.40 9.36 18.30
C LEU E 13 -13.11 10.35 17.17
N VAL E 14 -13.12 11.64 17.49
CA VAL E 14 -12.79 12.65 16.53
C VAL E 14 -11.34 12.50 16.06
N GLN E 15 -10.42 12.33 17.01
CA GLN E 15 -9.00 12.19 16.68
C GLN E 15 -8.73 10.92 15.89
N SER E 16 -9.45 9.87 16.24
CA SER E 16 -9.35 8.59 15.58
C SER E 16 -9.78 8.66 14.12
N VAL E 17 -10.84 9.41 13.85
CA VAL E 17 -11.40 9.54 12.49
C VAL E 17 -10.47 10.36 11.62
N CYS E 18 -9.84 11.34 12.24
CA CYS E 18 -8.84 12.18 11.55
C CYS E 18 -7.56 11.40 11.20
N LYS E 19 -7.11 10.57 12.13
CA LYS E 19 -5.91 9.77 11.92
C LYS E 19 -6.15 8.86 10.75
N SER E 20 -7.32 8.26 10.69
CA SER E 20 -7.65 7.35 9.63
C SER E 20 -7.67 8.06 8.30
N TYR E 21 -8.20 9.27 8.27
CA TYR E 21 -8.24 10.05 7.04
C TYR E 21 -6.84 10.41 6.57
N ARG E 22 -5.98 10.88 7.47
CA ARG E 22 -4.58 11.17 7.08
C ARG E 22 -3.87 9.96 6.49
N GLU E 23 -4.17 8.78 7.03
CA GLU E 23 -3.53 7.52 6.66
C GLU E 23 -3.98 7.05 5.29
N THR E 24 -5.15 7.51 4.86
CA THR E 24 -5.81 6.91 3.72
C THR E 24 -6.13 7.95 2.66
N CYS E 25 -5.63 9.15 2.80
CA CYS E 25 -6.08 10.24 1.88
C CYS E 25 -5.25 10.36 0.58
N GLN E 26 -4.32 9.42 0.38
CA GLN E 26 -3.53 9.22 -0.86
C GLN E 26 -2.37 10.20 -0.98
N LEU E 27 -2.66 11.49 -1.03
CA LEU E 27 -1.68 12.54 -1.06
C LEU E 27 -1.87 13.48 0.13
N ARG E 28 -0.77 14.05 0.61
CA ARG E 28 -0.83 15.10 1.64
C ARG E 28 -1.39 16.37 1.05
N LEU E 29 -2.26 17.04 1.83
CA LEU E 29 -2.78 18.36 1.47
C LEU E 29 -1.66 19.38 1.31
N GLU E 30 -0.69 19.34 2.21
CA GLU E 30 0.48 20.21 2.14
C GLU E 30 1.24 20.06 0.80
N ASP E 31 1.33 18.84 0.29
CA ASP E 31 1.91 18.57 -1.02
C ASP E 31 1.03 19.08 -2.13
N LEU E 32 -0.28 18.86 -2.05
CA LEU E 32 -1.24 19.41 -3.00
C LEU E 32 -1.19 20.91 -3.10
N LEU E 33 -1.08 21.59 -1.97
CA LEU E 33 -1.14 23.04 -1.95
C LEU E 33 0.16 23.63 -2.45
N ARG E 34 1.26 22.96 -2.14
CA ARG E 34 2.60 23.34 -2.66
C ARG E 34 2.71 23.18 -4.19
N GLN E 35 1.88 22.32 -4.80
CA GLN E 35 1.98 22.00 -6.22
C GLN E 35 1.07 22.88 -7.07
N ARG E 36 0.39 23.83 -6.44
CA ARG E 36 -0.62 24.66 -7.12
C ARG E 36 -0.06 25.40 -8.31
N SER E 37 1.16 25.85 -8.16
CA SER E 37 1.91 26.58 -9.22
C SER E 37 2.21 25.70 -10.44
N ASN E 38 2.26 24.37 -10.23
CA ASN E 38 2.58 23.43 -11.31
C ASN E 38 1.32 23.08 -12.08
N ILE E 39 1.26 23.59 -13.29
CA ILE E 39 0.09 23.51 -14.14
C ILE E 39 0.47 22.91 -15.45
N PHE E 40 -0.40 22.07 -15.98
CA PHE E 40 -0.23 21.53 -17.35
C PHE E 40 -0.13 22.66 -18.38
N SER E 41 0.87 22.61 -19.27
CA SER E 41 0.99 23.54 -20.43
C SER E 41 -0.09 23.25 -21.45
N ARG E 42 -0.31 24.18 -22.36
CA ARG E 42 -1.28 23.97 -23.41
C ARG E 42 -0.93 22.77 -24.33
N GLU E 43 0.32 22.57 -24.57
CA GLU E 43 0.86 21.40 -25.24
C GLU E 43 0.47 20.11 -24.53
N GLU E 44 0.56 20.10 -23.20
CA GLU E 44 0.19 18.91 -22.38
C GLU E 44 -1.34 18.72 -22.37
N VAL E 45 -2.09 19.82 -22.25
CA VAL E 45 -3.53 19.82 -22.43
C VAL E 45 -3.89 19.25 -23.78
N THR E 46 -3.15 19.62 -24.83
CA THR E 46 -3.39 19.05 -26.17
C THR E 46 -3.09 17.60 -26.27
N GLY E 47 -2.07 17.18 -25.53
CA GLY E 47 -1.72 15.75 -25.46
C GLY E 47 -2.86 14.89 -24.90
N TYR E 48 -3.46 15.31 -23.78
CA TYR E 48 -4.58 14.56 -23.09
C TYR E 48 -5.79 14.52 -23.98
N GLN E 49 -6.09 15.65 -24.60
CA GLN E 49 -7.22 15.81 -25.49
C GLN E 49 -7.13 14.95 -26.72
N ARG E 50 -5.93 14.71 -27.22
CA ARG E 50 -5.76 13.90 -28.41
C ARG E 50 -5.89 12.39 -28.17
N LYS E 51 -5.85 11.98 -26.91
CA LYS E 51 -5.99 10.58 -26.54
C LYS E 51 -7.35 10.00 -26.90
N SER E 52 -7.39 8.72 -27.15
CA SER E 52 -8.66 8.08 -27.46
C SER E 52 -9.57 8.02 -26.25
N MET E 53 -10.88 8.02 -26.49
CA MET E 53 -11.84 7.89 -25.43
C MET E 53 -11.50 6.73 -24.50
N TRP E 54 -11.10 5.62 -25.06
CA TRP E 54 -10.73 4.46 -24.33
C TRP E 54 -9.51 4.67 -23.44
N GLU E 55 -8.41 5.20 -23.98
CA GLU E 55 -7.20 5.43 -23.26
C GLU E 55 -7.46 6.40 -22.09
N MET E 56 -8.27 7.46 -22.31
CA MET E 56 -8.53 8.45 -21.28
C MET E 56 -9.43 7.86 -20.18
N TRP E 57 -10.42 7.09 -20.61
CA TRP E 57 -11.36 6.44 -19.67
C TRP E 57 -10.74 5.37 -18.84
N GLU E 58 -9.91 4.55 -19.46
CA GLU E 58 -9.16 3.53 -18.81
C GLU E 58 -8.35 4.07 -17.67
N ARG E 59 -7.60 5.15 -17.90
CA ARG E 59 -6.75 5.68 -16.86
C ARG E 59 -7.55 6.48 -15.79
N CYS E 60 -8.66 7.10 -16.19
CA CYS E 60 -9.60 7.77 -15.26
C CYS E 60 -10.34 6.72 -14.41
N ALA E 61 -10.78 5.63 -15.01
CA ALA E 61 -11.33 4.49 -14.25
C ALA E 61 -10.34 3.92 -13.24
N HIS E 62 -9.04 3.99 -13.57
CA HIS E 62 -8.04 3.47 -12.71
C HIS E 62 -7.89 4.35 -11.46
N HIS E 63 -7.85 5.66 -11.65
CA HIS E 63 -7.75 6.58 -10.52
C HIS E 63 -9.02 6.57 -9.63
N LEU E 64 -10.18 6.35 -10.21
CA LEU E 64 -11.41 6.20 -9.51
C LEU E 64 -11.44 4.89 -8.69
N THR E 65 -11.10 3.74 -9.29
CA THR E 65 -10.92 2.46 -8.58
C THR E 65 -9.98 2.58 -7.46
N GLU E 66 -8.83 3.21 -7.70
CA GLU E 66 -7.85 3.39 -6.70
C GLU E 66 -8.35 4.25 -5.53
N ALA E 67 -9.06 5.35 -5.86
CA ALA E 67 -9.65 6.19 -4.86
C ALA E 67 -10.69 5.38 -4.04
N ILE E 68 -11.44 4.51 -4.67
CA ILE E 68 -12.38 3.65 -3.99
C ILE E 68 -11.66 2.70 -2.95
N GLN E 69 -10.49 2.15 -3.32
CA GLN E 69 -9.69 1.25 -2.46
C GLN E 69 -9.22 1.98 -1.23
N TYR E 70 -8.91 3.26 -1.37
CA TYR E 70 -8.47 4.06 -0.26
C TYR E 70 -9.60 4.50 0.63
N VAL E 71 -10.81 4.57 0.10
CA VAL E 71 -11.97 4.77 0.91
C VAL E 71 -12.33 3.47 1.68
N VAL E 72 -12.20 2.29 1.08
CA VAL E 72 -12.37 1.02 1.76
C VAL E 72 -11.43 0.92 2.92
N GLU E 73 -10.21 1.38 2.77
CA GLU E 73 -9.23 1.39 3.81
C GLU E 73 -9.58 2.33 4.96
N PHE E 74 -10.07 3.53 4.60
CA PHE E 74 -10.63 4.48 5.55
C PHE E 74 -11.68 3.78 6.39
N ALA E 75 -12.62 3.09 5.78
CA ALA E 75 -13.67 2.41 6.51
C ALA E 75 -13.14 1.33 7.45
N LYS E 76 -12.14 0.57 7.01
CA LYS E 76 -11.52 -0.50 7.78
C LYS E 76 -10.93 0.05 9.07
N ARG E 77 -10.51 1.30 9.09
CA ARG E 77 -9.87 1.91 10.26
C ARG E 77 -10.84 2.63 11.19
N LEU E 78 -12.07 2.82 10.72
CA LEU E 78 -13.14 3.40 11.55
C LEU E 78 -13.53 2.38 12.64
N SER E 79 -13.88 2.88 13.83
CA SER E 79 -13.75 2.12 15.09
C SER E 79 -14.71 0.88 15.03
N GLY E 80 -15.96 1.04 14.77
CA GLY E 80 -16.89 -0.06 14.83
C GLY E 80 -17.02 -0.87 13.59
N PHE E 81 -16.42 -0.37 12.48
CA PHE E 81 -16.77 -0.84 11.13
C PHE E 81 -16.37 -2.28 10.94
N MET E 82 -15.24 -2.63 11.46
CA MET E 82 -14.72 -3.99 11.30
C MET E 82 -15.56 -5.05 12.04
N GLU E 83 -16.22 -4.62 13.10
CA GLU E 83 -17.06 -5.48 13.91
C GLU E 83 -18.38 -5.78 13.19
N LEU E 84 -18.78 -4.94 12.23
CA LEU E 84 -19.95 -5.23 11.43
C LEU E 84 -19.77 -6.41 10.51
N CYS E 85 -20.85 -7.12 10.17
CA CYS E 85 -20.77 -8.28 9.31
C CYS E 85 -20.45 -7.94 7.91
N GLN E 86 -19.90 -8.85 7.11
CA GLN E 86 -19.28 -8.64 5.86
C GLN E 86 -20.34 -8.12 4.90
N ASN E 87 -21.52 -8.74 4.87
CA ASN E 87 -22.63 -8.21 4.06
C ASN E 87 -22.89 -6.70 4.32
N ASP E 88 -22.85 -6.31 5.59
CA ASP E 88 -23.08 -4.94 5.98
C ASP E 88 -21.95 -4.00 5.58
N GLN E 89 -20.71 -4.49 5.67
CA GLN E 89 -19.53 -3.75 5.24
C GLN E 89 -19.62 -3.38 3.75
N ILE E 90 -20.06 -4.34 2.95
CA ILE E 90 -20.20 -4.21 1.53
C ILE E 90 -21.35 -3.28 1.15
N VAL E 91 -22.50 -3.41 1.84
CA VAL E 91 -23.69 -2.59 1.56
C VAL E 91 -23.38 -1.10 1.82
N LEU E 92 -22.73 -0.80 2.94
CA LEU E 92 -22.36 0.52 3.27
C LEU E 92 -21.32 1.11 2.27
N LEU E 93 -20.29 0.33 1.92
CA LEU E 93 -19.20 0.82 1.03
C LEU E 93 -19.75 0.95 -0.41
N LYS E 94 -20.63 0.05 -0.81
CA LYS E 94 -21.26 0.19 -2.13
C LYS E 94 -22.10 1.45 -2.25
N ALA E 95 -22.88 1.77 -1.22
CA ALA E 95 -23.81 2.88 -1.29
C ALA E 95 -23.11 4.21 -1.15
N GLY E 96 -21.92 4.23 -0.53
CA GLY E 96 -21.34 5.47 0.05
C GLY E 96 -19.96 5.83 -0.56
N ALA E 97 -19.21 4.85 -1.08
CA ALA E 97 -17.74 5.06 -1.37
C ALA E 97 -17.43 6.12 -2.51
N MET E 98 -18.24 6.00 -3.59
CA MET E 98 -18.08 6.95 -4.74
C MET E 98 -18.40 8.38 -4.31
N GLU E 99 -19.40 8.54 -3.46
CA GLU E 99 -19.65 9.84 -2.84
C GLU E 99 -18.45 10.39 -2.09
N VAL E 100 -17.81 9.51 -1.30
CA VAL E 100 -16.66 9.94 -0.48
C VAL E 100 -15.49 10.40 -1.28
N VAL E 101 -15.25 9.64 -2.36
CA VAL E 101 -14.29 9.93 -3.39
C VAL E 101 -14.49 11.33 -3.98
N LEU E 102 -15.72 11.69 -4.36
CA LEU E 102 -16.02 13.04 -4.94
C LEU E 102 -15.91 14.09 -3.91
N VAL E 103 -16.19 13.76 -2.63
CA VAL E 103 -15.90 14.75 -1.55
C VAL E 103 -14.36 14.91 -1.32
N ARG E 104 -13.62 13.79 -1.29
CA ARG E 104 -12.13 13.81 -1.08
C ARG E 104 -11.42 14.64 -2.18
N MET E 105 -12.03 14.62 -3.35
CA MET E 105 -11.52 15.25 -4.55
C MET E 105 -11.36 16.74 -4.41
N CYS E 106 -12.17 17.36 -3.57
CA CYS E 106 -12.10 18.81 -3.36
C CYS E 106 -10.75 19.33 -2.84
N ARG E 107 -10.02 18.53 -2.09
CA ARG E 107 -8.70 18.87 -1.59
C ARG E 107 -7.67 19.09 -2.71
N ALA E 108 -7.86 18.43 -3.85
CA ALA E 108 -6.97 18.53 -4.94
C ALA E 108 -7.42 19.64 -5.89
N TYR E 109 -8.53 20.30 -5.58
CA TYR E 109 -9.18 21.26 -6.46
C TYR E 109 -8.80 22.66 -6.04
N ASN E 110 -8.22 23.42 -6.99
CA ASN E 110 -7.90 24.84 -6.78
C ASN E 110 -9.01 25.68 -7.33
N ALA E 111 -9.64 26.44 -6.44
CA ALA E 111 -10.83 27.23 -6.77
C ALA E 111 -10.46 28.52 -7.50
N ASP E 112 -9.24 29.00 -7.28
CA ASP E 112 -8.71 30.23 -7.81
C ASP E 112 -8.63 30.17 -9.33
N ASN E 113 -8.16 29.03 -9.83
CA ASN E 113 -8.05 28.78 -11.26
C ASN E 113 -8.89 27.67 -11.80
N ARG E 114 -9.75 27.10 -10.96
CA ARG E 114 -10.68 26.02 -11.34
C ARG E 114 -9.95 24.91 -12.02
N THR E 115 -8.88 24.47 -11.34
CA THR E 115 -8.14 23.28 -11.82
C THR E 115 -8.09 22.17 -10.74
N VAL E 116 -7.79 20.92 -11.15
CA VAL E 116 -7.63 19.80 -10.25
C VAL E 116 -6.29 19.06 -10.46
N PHE E 117 -5.66 18.64 -9.38
CA PHE E 117 -4.44 17.86 -9.41
C PHE E 117 -4.71 16.47 -9.92
N PHE E 118 -4.14 16.18 -11.09
CA PHE E 118 -4.39 14.93 -11.85
C PHE E 118 -3.06 14.50 -12.52
N GLU E 119 -2.57 13.30 -12.18
CA GLU E 119 -1.35 12.74 -12.71
C GLU E 119 -0.14 13.67 -12.64
N GLY E 120 0.01 14.40 -11.54
CA GLY E 120 1.31 15.02 -11.21
C GLY E 120 1.28 16.55 -11.44
N LYS E 121 0.30 17.08 -12.17
CA LYS E 121 0.14 18.55 -12.32
C LYS E 121 -1.35 18.99 -12.20
N TYR E 122 -1.58 20.29 -12.11
CA TYR E 122 -2.97 20.82 -12.09
C TYR E 122 -3.48 21.07 -13.49
N GLY E 123 -4.72 20.72 -13.74
CA GLY E 123 -5.34 20.97 -15.06
C GLY E 123 -6.84 21.26 -14.95
N GLY E 124 -7.35 22.02 -15.91
CA GLY E 124 -8.74 22.40 -15.92
C GLY E 124 -9.59 21.38 -16.53
N MET E 125 -10.88 21.64 -16.56
CA MET E 125 -11.90 20.78 -17.18
C MET E 125 -11.52 20.20 -18.54
N GLU E 126 -10.86 21.06 -19.35
CA GLU E 126 -10.69 20.79 -20.81
C GLU E 126 -9.67 19.65 -20.94
N LEU E 127 -8.91 19.39 -19.91
CA LEU E 127 -8.07 18.18 -19.88
C LEU E 127 -8.80 16.91 -20.27
N PHE E 128 -10.10 16.85 -19.93
CA PHE E 128 -10.83 15.60 -19.85
C PHE E 128 -11.80 15.52 -21.04
N ARG E 129 -11.54 16.28 -22.10
CA ARG E 129 -12.39 16.31 -23.27
C ARG E 129 -12.51 14.97 -23.98
N ALA E 130 -11.48 14.20 -23.93
CA ALA E 130 -11.51 12.92 -24.62
C ALA E 130 -12.53 11.92 -24.01
N LEU E 131 -12.97 12.15 -22.74
CA LEU E 131 -13.96 11.26 -22.04
C LEU E 131 -15.32 11.32 -22.70
N GLY E 132 -15.60 12.43 -23.39
CA GLY E 132 -16.84 12.62 -24.03
C GLY E 132 -18.04 12.73 -23.09
N CYS E 133 -17.80 13.25 -21.90
N CYS E 133 -17.78 13.30 -21.92
CA CYS E 133 -18.85 13.45 -20.91
CA CYS E 133 -18.77 13.43 -20.86
C CYS E 133 -18.63 14.79 -20.22
C CYS E 133 -18.60 14.79 -20.22
N SER E 134 -18.75 15.84 -21.03
CA SER E 134 -18.45 17.20 -20.64
C SER E 134 -19.40 17.73 -19.57
N GLU E 135 -20.67 17.37 -19.70
CA GLU E 135 -21.72 17.68 -18.71
C GLU E 135 -21.41 17.07 -17.30
N LEU E 136 -20.86 15.86 -17.25
CA LEU E 136 -20.43 15.26 -15.99
C LEU E 136 -19.26 15.99 -15.44
N ILE E 137 -18.25 16.23 -16.30
CA ILE E 137 -16.98 16.86 -15.82
C ILE E 137 -17.22 18.23 -15.23
N SER E 138 -18.04 18.99 -15.91
CA SER E 138 -18.44 20.34 -15.44
C SER E 138 -19.11 20.30 -14.08
N SER E 139 -19.97 19.31 -13.89
CA SER E 139 -20.75 19.15 -12.65
C SER E 139 -19.87 18.77 -11.52
N ILE E 140 -18.91 17.86 -11.79
CA ILE E 140 -17.95 17.49 -10.73
C ILE E 140 -17.08 18.68 -10.35
N PHE E 141 -16.71 19.47 -11.37
CA PHE E 141 -15.99 20.74 -11.08
C PHE E 141 -16.83 21.75 -10.25
N ASP E 142 -18.09 21.78 -10.50
CA ASP E 142 -19.06 22.60 -9.70
C ASP E 142 -19.19 22.12 -8.27
N PHE E 143 -19.38 20.83 -8.11
CA PHE E 143 -19.45 20.23 -6.82
C PHE E 143 -18.20 20.51 -6.02
N SER E 144 -17.04 20.29 -6.64
CA SER E 144 -15.77 20.63 -6.00
C SER E 144 -15.64 22.09 -5.68
N HIS E 145 -16.12 22.93 -6.58
CA HIS E 145 -16.09 24.35 -6.35
C HIS E 145 -16.97 24.74 -5.18
N SER E 146 -18.15 24.12 -5.10
CA SER E 146 -19.08 24.40 -4.02
C SER E 146 -18.46 23.97 -2.69
N LEU E 147 -17.86 22.79 -2.67
CA LEU E 147 -17.24 22.31 -1.45
C LEU E 147 -16.05 23.15 -1.01
N SER E 148 -15.22 23.54 -1.96
CA SER E 148 -14.03 24.33 -1.65
C SER E 148 -14.40 25.69 -0.99
N ALA E 149 -15.55 26.27 -1.38
CA ALA E 149 -16.04 27.57 -0.84
C ALA E 149 -16.27 27.48 0.68
N LEU E 150 -16.49 26.25 1.18
CA LEU E 150 -16.80 26.04 2.58
C LEU E 150 -15.56 25.93 3.43
N HIS E 151 -14.38 25.78 2.81
CA HIS E 151 -13.08 25.75 3.52
C HIS E 151 -13.09 24.68 4.62
N PHE E 152 -13.55 23.47 4.28
CA PHE E 152 -13.51 22.32 5.20
C PHE E 152 -12.14 22.18 5.83
N SER E 153 -12.09 22.02 7.14
CA SER E 153 -10.85 21.54 7.78
C SER E 153 -10.70 20.04 7.51
N GLU E 154 -9.50 19.53 7.79
CA GLU E 154 -9.21 18.12 7.81
C GLU E 154 -10.25 17.36 8.67
N ASP E 155 -10.51 17.84 9.89
CA ASP E 155 -11.44 17.25 10.83
C ASP E 155 -12.83 17.12 10.23
N GLU E 156 -13.26 18.17 9.55
CA GLU E 156 -14.59 18.30 9.00
C GLU E 156 -14.78 17.41 7.82
N ILE E 157 -13.78 17.30 6.95
CA ILE E 157 -13.87 16.30 5.87
C ILE E 157 -13.85 14.87 6.41
N ALA E 158 -12.94 14.60 7.34
CA ALA E 158 -12.83 13.20 7.90
C ALA E 158 -14.17 12.76 8.50
N LEU E 159 -14.82 13.66 9.24
CA LEU E 159 -16.01 13.35 9.91
C LEU E 159 -17.18 13.26 9.05
N TYR E 160 -17.29 14.21 8.11
CA TYR E 160 -18.41 14.19 7.17
C TYR E 160 -18.34 12.94 6.28
N THR E 161 -17.15 12.58 5.82
CA THR E 161 -17.06 11.37 4.93
C THR E 161 -17.36 10.07 5.65
N ALA E 162 -16.99 9.98 6.94
CA ALA E 162 -17.41 8.88 7.84
C ALA E 162 -18.91 8.81 7.88
N LEU E 163 -19.57 9.95 8.00
CA LEU E 163 -21.08 9.92 8.08
C LEU E 163 -21.72 9.62 6.76
N VAL E 164 -21.02 9.91 5.67
CA VAL E 164 -21.45 9.42 4.36
C VAL E 164 -21.49 7.91 4.29
N LEU E 165 -20.43 7.30 4.83
CA LEU E 165 -20.35 5.83 4.78
C LEU E 165 -21.26 5.12 5.79
N ILE E 166 -21.17 5.55 7.05
CA ILE E 166 -21.90 4.92 8.13
C ILE E 166 -23.32 5.52 8.19
N ASN E 167 -24.23 4.91 7.46
CA ASN E 167 -25.58 5.40 7.34
C ASN E 167 -26.52 4.20 7.51
N ALA E 168 -27.39 4.28 8.53
CA ALA E 168 -28.29 3.11 8.91
C ALA E 168 -29.45 2.95 7.99
N HIS E 169 -29.67 3.93 7.10
CA HIS E 169 -30.84 3.89 6.21
C HIS E 169 -30.59 3.08 4.95
N ARG E 170 -29.38 2.57 4.71
CA ARG E 170 -29.08 1.84 3.43
C ARG E 170 -29.80 0.54 3.34
N PRO E 171 -30.55 0.31 2.25
CA PRO E 171 -31.25 -0.97 2.04
C PRO E 171 -30.35 -2.19 2.07
N GLY E 172 -30.85 -3.28 2.68
CA GLY E 172 -30.23 -4.58 2.64
C GLY E 172 -29.20 -4.79 3.73
N LEU E 173 -29.16 -3.87 4.69
CA LEU E 173 -28.37 -4.00 5.93
C LEU E 173 -28.99 -5.02 6.90
N GLN E 174 -28.14 -5.78 7.54
CA GLN E 174 -28.63 -6.85 8.38
C GLN E 174 -28.72 -6.51 9.83
N GLU E 175 -27.67 -5.85 10.30
CA GLU E 175 -27.61 -5.36 11.63
C GLU E 175 -27.74 -3.86 11.68
N LYS E 176 -28.97 -3.39 11.43
CA LYS E 176 -29.30 -1.97 11.38
C LYS E 176 -28.98 -1.23 12.66
N ARG E 177 -29.27 -1.87 13.78
CA ARG E 177 -29.08 -1.27 15.10
C ARG E 177 -27.66 -0.96 15.38
N LYS E 178 -26.76 -1.85 14.93
CA LYS E 178 -25.31 -1.68 15.10
C LYS E 178 -24.85 -0.48 14.28
N VAL E 179 -25.36 -0.34 13.06
CA VAL E 179 -25.01 0.79 12.18
C VAL E 179 -25.52 2.10 12.79
N GLU E 180 -26.72 2.10 13.34
CA GLU E 180 -27.28 3.30 13.96
C GLU E 180 -26.42 3.72 15.11
N GLN E 181 -25.98 2.79 15.94
CA GLN E 181 -25.16 3.18 17.06
C GLN E 181 -23.86 3.81 16.59
N LEU E 182 -23.24 3.24 15.56
CA LEU E 182 -22.03 3.82 15.02
C LEU E 182 -22.29 5.19 14.44
N GLN E 183 -23.39 5.33 13.71
CA GLN E 183 -23.77 6.61 13.14
C GLN E 183 -24.06 7.64 14.20
N TYR E 184 -24.76 7.22 15.24
CA TYR E 184 -25.15 8.14 16.35
C TYR E 184 -23.96 8.70 17.06
N ASN E 185 -23.00 7.84 17.39
CA ASN E 185 -21.74 8.28 17.98
C ASN E 185 -20.95 9.28 17.12
N LEU E 186 -21.00 9.09 15.82
CA LEU E 186 -20.31 9.95 14.87
C LEU E 186 -21.02 11.29 14.75
N GLU E 187 -22.34 11.29 14.78
CA GLU E 187 -23.11 12.55 14.82
C GLU E 187 -22.82 13.36 16.06
N LEU E 188 -22.78 12.68 17.20
CA LEU E 188 -22.42 13.32 18.50
C LEU E 188 -21.01 14.00 18.44
N ALA E 189 -20.01 13.25 18.00
CA ALA E 189 -18.66 13.75 17.92
C ALA E 189 -18.57 14.91 16.96
N PHE E 190 -19.21 14.78 15.81
CA PHE E 190 -19.19 15.83 14.81
C PHE E 190 -19.89 17.08 15.32
N HIS E 191 -21.05 16.89 15.95
CA HIS E 191 -21.84 18.01 16.46
C HIS E 191 -21.06 18.75 17.51
N HIS E 192 -20.42 18.01 18.40
CA HIS E 192 -19.54 18.62 19.39
C HIS E 192 -18.45 19.45 18.73
N HIS E 193 -17.82 18.87 17.72
CA HIS E 193 -16.76 19.55 17.03
C HIS E 193 -17.25 20.79 16.34
N LEU E 194 -18.39 20.69 15.67
CA LEU E 194 -18.95 21.90 15.05
C LEU E 194 -19.28 23.01 16.06
N CYS E 195 -19.70 22.63 17.27
CA CYS E 195 -20.07 23.59 18.31
C CYS E 195 -18.92 24.34 18.86
N LYS E 196 -17.86 23.63 19.19
CA LYS E 196 -16.68 24.27 19.71
C LYS E 196 -16.03 25.21 18.72
N THR E 197 -16.12 24.88 17.44
CA THR E 197 -15.45 25.68 16.38
C THR E 197 -16.39 26.70 15.75
N HIS E 198 -17.64 26.70 16.22
CA HIS E 198 -18.70 27.60 15.69
C HIS E 198 -19.01 27.32 14.21
N ARG E 199 -19.21 26.08 13.85
CA ARG E 199 -19.33 25.73 12.44
C ARG E 199 -20.65 25.02 12.14
N GLN E 200 -21.65 25.19 12.95
CA GLN E 200 -22.90 24.36 12.94
C GLN E 200 -23.68 24.43 11.66
N SER E 201 -23.49 25.51 10.88
CA SER E 201 -24.28 25.84 9.67
C SER E 201 -23.64 25.26 8.37
N ILE E 202 -22.40 24.77 8.44
CA ILE E 202 -21.64 24.42 7.24
C ILE E 202 -22.23 23.23 6.44
N LEU E 203 -22.98 22.36 7.13
CA LEU E 203 -23.58 21.21 6.54
C LEU E 203 -24.87 21.57 5.82
N ALA E 204 -25.43 22.73 6.09
CA ALA E 204 -26.66 23.15 5.36
C ALA E 204 -26.39 23.50 3.88
N LYS E 205 -25.14 23.87 3.60
CA LYS E 205 -24.73 24.53 2.37
C LYS E 205 -24.47 23.51 1.22
N LEU E 206 -24.30 22.23 1.56
CA LEU E 206 -23.65 21.24 0.73
C LEU E 206 -24.46 20.99 -0.53
N PRO E 207 -23.79 20.88 -1.69
CA PRO E 207 -24.43 20.35 -2.89
C PRO E 207 -24.67 18.83 -2.79
N PRO E 208 -25.72 18.29 -3.51
CA PRO E 208 -25.94 16.83 -3.48
C PRO E 208 -24.92 16.06 -4.31
N ALA E 209 -24.51 14.88 -3.84
CA ALA E 209 -23.45 14.14 -4.50
C ALA E 209 -23.89 12.85 -5.13
N GLY E 210 -25.09 12.39 -4.77
CA GLY E 210 -25.52 11.06 -5.07
C GLY E 210 -25.68 10.78 -6.58
N LYS E 211 -26.27 11.72 -7.34
CA LYS E 211 -26.45 11.50 -8.77
C LYS E 211 -25.11 11.38 -9.53
N LEU E 212 -24.22 12.32 -9.23
CA LEU E 212 -22.91 12.37 -9.83
C LEU E 212 -22.12 11.13 -9.52
N ALA E 213 -22.19 10.65 -8.26
CA ALA E 213 -21.47 9.45 -7.81
C ALA E 213 -21.96 8.24 -8.52
N SER E 214 -23.28 8.15 -8.74
CA SER E 214 -23.83 7.05 -9.48
C SER E 214 -23.32 6.92 -10.88
N LEU E 215 -23.23 8.06 -11.57
CA LEU E 215 -22.79 8.14 -12.97
C LEU E 215 -21.29 7.69 -13.05
N CYS E 216 -20.44 8.19 -12.18
CA CYS E 216 -18.93 7.76 -12.08
C CYS E 216 -18.92 6.21 -11.88
N SER E 217 -19.82 5.69 -11.03
CA SER E 217 -19.88 4.24 -10.76
C SER E 217 -20.29 3.45 -11.94
N GLN E 218 -21.26 3.99 -12.67
CA GLN E 218 -21.77 3.40 -13.89
C GLN E 218 -20.70 3.37 -14.99
N HIS E 219 -19.99 4.46 -15.15
CA HIS E 219 -18.91 4.52 -16.13
C HIS E 219 -17.86 3.48 -15.74
N VAL E 220 -17.50 3.43 -14.46
CA VAL E 220 -16.60 2.35 -13.98
C VAL E 220 -17.07 0.94 -14.37
N GLU E 221 -18.35 0.68 -14.20
CA GLU E 221 -18.90 -0.65 -14.51
C GLU E 221 -18.92 -0.93 -16.00
N ARG E 222 -19.20 0.10 -16.79
CA ARG E 222 -19.23 -0.02 -18.23
C ARG E 222 -17.85 -0.42 -18.72
N LEU E 223 -16.82 0.18 -18.14
CA LEU E 223 -15.45 -0.15 -18.50
C LEU E 223 -15.12 -1.60 -18.15
N GLN E 224 -15.56 -2.05 -17.00
CA GLN E 224 -15.29 -3.42 -16.58
C GLN E 224 -15.92 -4.44 -17.49
N ILE E 225 -17.15 -4.17 -17.88
CA ILE E 225 -17.96 -5.08 -18.64
C ILE E 225 -17.35 -5.27 -20.06
N PHE E 226 -16.78 -4.19 -20.60
CA PHE E 226 -16.55 -4.10 -22.01
C PHE E 226 -15.05 -4.23 -22.37
N GLN E 227 -14.21 -4.63 -21.41
CA GLN E 227 -12.76 -4.70 -21.62
C GLN E 227 -12.34 -5.72 -22.64
N HIS E 228 -13.17 -6.75 -22.99
CA HIS E 228 -12.86 -7.81 -23.99
C HIS E 228 -13.06 -7.32 -25.41
N LEU E 229 -13.58 -6.10 -25.55
CA LEU E 229 -13.73 -5.45 -26.84
C LEU E 229 -12.75 -4.25 -26.94
N HIS E 230 -11.81 -4.07 -25.96
CA HIS E 230 -10.77 -3.07 -26.01
C HIS E 230 -9.36 -3.69 -25.72
N PRO E 231 -8.22 -2.95 -25.91
CA PRO E 231 -6.89 -3.56 -25.64
C PRO E 231 -6.67 -4.04 -24.21
N ILE E 232 -5.92 -5.13 -24.05
CA ILE E 232 -5.57 -5.63 -22.70
C ILE E 232 -4.55 -4.68 -22.08
N VAL E 233 -4.68 -4.49 -20.77
CA VAL E 233 -3.96 -3.45 -20.00
C VAL E 233 -4.04 -3.75 -18.50
N ASN F 2 -24.07 -0.51 -8.18
CA ASN F 2 -23.89 -1.55 -9.27
C ASN F 2 -22.98 -2.72 -8.87
N MET F 3 -23.02 -3.80 -9.66
CA MET F 3 -22.22 -5.01 -9.42
C MET F 3 -20.71 -4.78 -9.63
N GLY F 4 -20.37 -3.79 -10.48
CA GLY F 4 -19.00 -3.48 -10.75
C GLY F 4 -18.21 -2.94 -9.58
N LEU F 5 -18.81 -1.97 -8.90
CA LEU F 5 -18.31 -1.39 -7.68
C LEU F 5 -18.21 -2.47 -6.58
N GLU F 6 -19.23 -3.35 -6.49
CA GLU F 6 -19.27 -4.45 -5.47
C GLU F 6 -18.00 -5.23 -5.52
N ALA F 7 -17.69 -5.73 -6.71
CA ALA F 7 -16.48 -6.52 -6.94
C ALA F 7 -15.21 -5.85 -6.45
N ILE F 8 -15.07 -4.56 -6.75
CA ILE F 8 -13.89 -3.83 -6.31
C ILE F 8 -13.81 -3.81 -4.81
N ILE F 9 -14.95 -3.57 -4.17
CA ILE F 9 -15.04 -3.49 -2.74
C ILE F 9 -14.77 -4.79 -2.00
N ARG F 10 -15.26 -5.90 -2.52
N ARG F 10 -15.24 -5.89 -2.56
CA ARG F 10 -15.01 -7.18 -1.87
CA ARG F 10 -15.04 -7.20 -1.96
C ARG F 10 -13.54 -7.50 -1.86
C ARG F 10 -13.58 -7.56 -1.90
N LYS F 11 -12.87 -7.26 -2.97
CA LYS F 11 -11.47 -7.54 -3.05
C LYS F 11 -10.66 -6.67 -2.08
N ALA F 12 -11.02 -5.39 -1.98
CA ALA F 12 -10.30 -4.44 -1.08
C ALA F 12 -10.42 -4.80 0.38
N LEU F 13 -11.61 -5.34 0.77
CA LEU F 13 -11.89 -5.73 2.15
C LEU F 13 -11.00 -6.83 2.58
N MET F 14 -10.69 -7.74 1.67
CA MET F 14 -9.81 -8.85 1.99
C MET F 14 -8.39 -8.36 2.22
N GLY F 15 -7.78 -8.75 3.32
CA GLY F 15 -6.44 -8.34 3.67
C GLY F 15 -6.37 -6.95 4.27
N SER G 6 30.73 19.87 -2.97
CA SER G 6 29.89 18.71 -3.41
C SER G 6 28.44 18.81 -2.91
N LEU G 7 27.59 17.93 -3.46
CA LEU G 7 26.18 17.83 -3.09
C LEU G 7 26.00 17.58 -1.59
N THR G 8 26.83 16.76 -1.05
CA THR G 8 26.75 16.37 0.34
C THR G 8 27.12 17.51 1.28
N GLU G 9 28.04 18.38 0.86
CA GLU G 9 28.44 19.56 1.66
C GLU G 9 27.31 20.53 1.86
N ILE G 10 26.58 20.75 0.78
CA ILE G 10 25.40 21.58 0.75
C ILE G 10 24.24 20.90 1.54
N GLU G 11 24.10 19.58 1.42
CA GLU G 11 23.08 18.80 2.13
C GLU G 11 23.29 18.78 3.64
N HIS G 12 24.53 18.81 4.02
CA HIS G 12 24.90 18.94 5.40
C HIS G 12 24.49 20.32 5.95
N LEU G 13 24.74 21.36 5.22
CA LEU G 13 24.38 22.72 5.61
C LEU G 13 22.85 22.89 5.71
N VAL G 14 22.09 22.35 4.75
CA VAL G 14 20.61 22.35 4.78
C VAL G 14 20.10 21.69 6.05
N GLN G 15 20.58 20.49 6.35
CA GLN G 15 20.18 19.78 7.57
C GLN G 15 20.66 20.47 8.84
N SER G 16 21.79 21.17 8.78
CA SER G 16 22.30 21.97 9.87
C SER G 16 21.49 23.21 10.19
N VAL G 17 20.92 23.78 9.12
CA VAL G 17 20.03 24.92 9.20
C VAL G 17 18.66 24.47 9.67
N CYS G 18 18.11 23.44 9.03
CA CYS G 18 16.78 22.92 9.38
C CYS G 18 16.72 22.42 10.81
N LYS G 19 17.75 21.68 11.17
CA LYS G 19 17.91 21.14 12.45
C LYS G 19 17.95 22.23 13.47
N SER G 20 18.64 23.31 13.11
CA SER G 20 18.77 24.48 13.95
C SER G 20 17.42 25.11 14.23
N TYR G 21 16.58 25.15 13.20
CA TYR G 21 15.23 25.65 13.31
C TYR G 21 14.33 24.81 14.22
N ARG G 22 14.38 23.50 14.10
CA ARG G 22 13.52 22.67 14.93
C ARG G 22 13.78 22.88 16.41
N GLU G 23 15.03 23.06 16.78
CA GLU G 23 15.43 23.26 18.09
C GLU G 23 15.08 24.59 18.69
N THR G 24 14.83 25.57 17.82
CA THR G 24 14.65 26.94 18.27
C THR G 24 13.31 27.54 17.87
N CYS G 25 12.41 26.72 17.40
CA CYS G 25 11.13 27.23 16.86
C CYS G 25 9.99 27.30 17.84
N GLN G 26 10.29 27.07 19.11
CA GLN G 26 9.32 27.24 20.19
C GLN G 26 8.17 26.23 20.22
N LEU G 27 7.40 26.14 19.15
CA LEU G 27 6.26 25.25 19.11
C LEU G 27 6.36 24.27 17.95
N ARG G 28 6.02 23.01 18.20
CA ARG G 28 6.03 22.00 17.16
C ARG G 28 4.88 22.28 16.18
N LEU G 29 5.10 22.00 14.91
CA LEU G 29 4.08 22.26 13.89
C LEU G 29 2.84 21.41 14.11
N GLU G 30 3.05 20.13 14.44
CA GLU G 30 1.94 19.17 14.63
C GLU G 30 1.02 19.60 15.79
N ASP G 31 1.63 20.12 16.86
CA ASP G 31 0.87 20.63 17.99
C ASP G 31 0.03 21.85 17.57
N LEU G 32 0.62 22.73 16.77
CA LEU G 32 -0.07 23.91 16.27
C LEU G 32 -1.26 23.51 15.38
N LEU G 33 -1.06 22.59 14.46
CA LEU G 33 -2.16 22.14 13.60
C LEU G 33 -3.26 21.44 14.39
N ARG G 34 -2.83 20.70 15.41
CA ARG G 34 -3.72 19.92 16.24
C ARG G 34 -4.74 20.77 16.98
N GLN G 35 -4.28 21.91 17.50
CA GLN G 35 -5.11 22.80 18.29
C GLN G 35 -5.93 23.72 17.44
N ARG G 36 -5.91 23.52 16.14
CA ARG G 36 -6.66 24.41 15.25
C ARG G 36 -8.14 24.50 15.56
N SER G 37 -8.70 23.41 16.11
CA SER G 37 -10.09 23.39 16.57
C SER G 37 -10.28 24.17 17.89
N ASN G 38 -9.21 24.30 18.66
CA ASN G 38 -9.26 24.94 19.97
C ASN G 38 -9.25 26.47 19.87
N ILE G 39 -10.42 27.08 19.89
CA ILE G 39 -10.59 28.51 19.61
C ILE G 39 -11.12 29.25 20.85
N PHE G 40 -10.65 30.46 21.12
CA PHE G 40 -11.15 31.30 22.23
C PHE G 40 -12.65 31.53 22.08
N SER G 41 -13.36 31.35 23.18
CA SER G 41 -14.81 31.58 23.26
C SER G 41 -15.11 33.07 23.20
N ARG G 42 -16.36 33.41 22.89
CA ARG G 42 -16.82 34.80 22.90
C ARG G 42 -16.67 35.46 24.27
N GLU G 43 -16.73 34.65 25.33
CA GLU G 43 -16.39 35.05 26.69
C GLU G 43 -14.90 35.40 26.79
N GLU G 44 -14.03 34.55 26.26
CA GLU G 44 -12.55 34.69 26.45
C GLU G 44 -11.99 35.87 25.64
N VAL G 45 -12.56 36.09 24.43
CA VAL G 45 -12.33 37.30 23.65
C VAL G 45 -12.61 38.57 24.49
N THR G 46 -13.72 38.56 25.22
CA THR G 46 -14.16 39.74 26.02
C THR G 46 -13.21 40.04 27.17
N GLY G 47 -12.67 38.97 27.77
CA GLY G 47 -11.66 39.07 28.83
C GLY G 47 -10.37 39.78 28.37
N TYR G 48 -9.81 39.40 27.21
CA TYR G 48 -8.66 40.08 26.57
C TYR G 48 -8.98 41.51 26.21
N GLN G 49 -10.19 41.74 25.68
CA GLN G 49 -10.60 43.05 25.16
C GLN G 49 -10.80 44.06 26.27
N ARG G 50 -11.19 43.59 27.45
CA ARG G 50 -11.42 44.50 28.58
C ARG G 50 -10.11 44.89 29.30
N LYS G 51 -9.02 44.17 29.03
CA LYS G 51 -7.67 44.50 29.64
C LYS G 51 -7.23 45.90 29.31
N SER G 52 -6.52 46.51 30.23
CA SER G 52 -5.87 47.78 29.92
C SER G 52 -4.88 47.67 28.74
N MET G 53 -4.72 48.78 28.02
CA MET G 53 -3.61 48.99 27.09
C MET G 53 -2.27 48.52 27.66
N TRP G 54 -1.90 48.93 28.88
CA TRP G 54 -0.65 48.51 29.53
C TRP G 54 -0.57 46.98 29.62
N GLU G 55 -1.65 46.37 30.12
CA GLU G 55 -1.61 44.93 30.39
C GLU G 55 -1.51 44.12 29.12
N MET G 56 -2.28 44.45 28.09
CA MET G 56 -2.21 43.73 26.84
C MET G 56 -0.82 43.96 26.15
N TRP G 57 -0.26 45.17 26.21
CA TRP G 57 1.07 45.42 25.70
C TRP G 57 2.16 44.71 26.44
N GLU G 58 2.06 44.71 27.77
CA GLU G 58 3.01 44.07 28.64
C GLU G 58 3.15 42.62 28.29
N ARG G 59 2.03 41.92 28.08
CA ARG G 59 2.06 40.52 27.71
C ARG G 59 2.64 40.30 26.35
N CYS G 60 2.20 41.13 25.39
CA CYS G 60 2.55 40.92 23.99
C CYS G 60 4.09 41.26 23.77
N ALA G 61 4.60 42.32 24.41
CA ALA G 61 6.02 42.66 24.38
C ALA G 61 6.89 41.57 25.02
N HIS G 62 6.35 40.84 26.02
CA HIS G 62 7.01 39.67 26.59
C HIS G 62 7.12 38.52 25.52
N HIS G 63 6.04 38.22 24.81
CA HIS G 63 6.03 37.19 23.74
C HIS G 63 7.01 37.55 22.59
N LEU G 64 7.01 38.83 22.19
CA LEU G 64 7.90 39.31 21.16
C LEU G 64 9.37 39.22 21.59
N THR G 65 9.68 39.58 22.83
CA THR G 65 11.01 39.46 23.41
C THR G 65 11.47 38.05 23.40
N GLU G 66 10.62 37.14 23.85
CA GLU G 66 10.86 35.73 23.87
C GLU G 66 11.16 35.21 22.51
N ALA G 67 10.34 35.65 21.54
CA ALA G 67 10.51 35.25 20.20
C ALA G 67 11.85 35.70 19.67
N ILE G 68 12.26 36.92 20.01
CA ILE G 68 13.56 37.44 19.56
C ILE G 68 14.72 36.64 20.11
N GLN G 69 14.65 36.25 21.41
CA GLN G 69 15.67 35.47 22.11
C GLN G 69 15.88 34.11 21.41
N TYR G 70 14.81 33.50 20.94
CA TYR G 70 14.86 32.24 20.23
C TYR G 70 15.39 32.37 18.81
N VAL G 71 15.32 33.59 18.24
CA VAL G 71 16.00 33.88 17.00
C VAL G 71 17.51 34.06 17.23
N VAL G 72 17.90 34.70 18.31
CA VAL G 72 19.33 34.73 18.74
C VAL G 72 19.90 33.29 18.88
N GLU G 73 19.10 32.39 19.44
CA GLU G 73 19.46 31.02 19.62
C GLU G 73 19.63 30.28 18.30
N PHE G 74 18.70 30.53 17.38
CA PHE G 74 18.76 30.00 16.05
C PHE G 74 20.05 30.35 15.39
N ALA G 75 20.41 31.63 15.49
CA ALA G 75 21.58 32.18 14.89
C ALA G 75 22.84 31.52 15.47
N LYS G 76 22.91 31.37 16.80
CA LYS G 76 24.11 30.82 17.45
C LYS G 76 24.43 29.41 16.99
N ARG G 77 23.42 28.68 16.56
CA ARG G 77 23.53 27.38 16.05
C ARG G 77 23.87 27.23 14.59
N LEU G 78 23.68 28.31 13.85
CA LEU G 78 23.94 28.25 12.42
C LEU G 78 25.42 28.16 12.26
N SER G 79 25.88 27.31 11.34
CA SER G 79 27.32 27.16 11.19
C SER G 79 28.02 28.43 10.75
N GLY G 80 29.06 28.76 11.50
CA GLY G 80 29.89 29.90 11.23
C GLY G 80 29.41 31.20 11.81
N PHE G 81 28.20 31.25 12.35
CA PHE G 81 27.72 32.49 12.94
C PHE G 81 28.55 32.91 14.15
N MET G 82 28.82 31.94 15.01
CA MET G 82 29.59 32.15 16.27
C MET G 82 31.05 32.54 15.99
N GLU G 83 31.52 32.16 14.81
CA GLU G 83 32.86 32.46 14.38
C GLU G 83 33.08 33.97 14.22
N LEU G 84 32.04 34.68 13.77
CA LEU G 84 32.08 36.11 13.50
C LEU G 84 32.35 36.88 14.77
N CYS G 85 32.90 38.09 14.62
CA CYS G 85 33.11 38.99 15.76
C CYS G 85 31.80 39.46 16.39
N GLN G 86 31.89 39.80 17.68
CA GLN G 86 30.72 40.14 18.49
C GLN G 86 29.90 41.29 17.88
N ASN G 87 30.60 42.35 17.45
CA ASN G 87 29.96 43.50 16.79
C ASN G 87 29.07 43.05 15.62
N ASP G 88 29.58 42.11 14.80
CA ASP G 88 28.91 41.70 13.57
C ASP G 88 27.74 40.83 13.80
N GLN G 89 27.86 39.91 14.77
CA GLN G 89 26.67 39.10 15.30
C GLN G 89 25.49 39.99 15.68
N ILE G 90 25.81 41.10 16.35
CA ILE G 90 24.85 42.02 16.86
C ILE G 90 24.25 42.87 15.75
N VAL G 91 25.12 43.36 14.81
CA VAL G 91 24.64 44.09 13.62
C VAL G 91 23.59 43.24 12.79
N LEU G 92 23.91 41.97 12.58
CA LEU G 92 23.08 41.10 11.83
C LEU G 92 21.74 40.81 12.57
N LEU G 93 21.81 40.62 13.89
CA LEU G 93 20.60 40.25 14.66
C LEU G 93 19.69 41.48 14.85
N LYS G 94 20.27 42.65 14.98
CA LYS G 94 19.49 43.85 15.10
C LYS G 94 18.66 44.13 13.85
N ALA G 95 19.26 43.87 12.69
CA ALA G 95 18.69 44.21 11.40
C ALA G 95 17.71 43.17 10.95
N GLY G 96 17.90 41.91 11.38
CA GLY G 96 17.21 40.77 10.79
C GLY G 96 16.12 40.14 11.73
N ALA G 97 16.26 40.28 13.03
CA ALA G 97 15.61 39.28 13.98
C ALA G 97 14.11 39.46 14.08
N MET G 98 13.68 40.72 14.16
CA MET G 98 12.24 40.96 14.20
C MET G 98 11.54 40.54 12.90
N GLU G 99 12.22 40.70 11.79
CA GLU G 99 11.68 40.17 10.54
C GLU G 99 11.54 38.66 10.57
N VAL G 100 12.57 37.99 11.11
CA VAL G 100 12.50 36.50 11.24
C VAL G 100 11.33 36.08 12.13
N VAL G 101 11.07 36.85 13.22
CA VAL G 101 9.95 36.56 14.12
C VAL G 101 8.58 36.68 13.38
N LEU G 102 8.41 37.69 12.56
CA LEU G 102 7.19 37.87 11.79
C LEU G 102 7.06 36.83 10.73
N VAL G 103 8.18 36.36 10.20
CA VAL G 103 8.12 35.23 9.26
C VAL G 103 7.72 33.93 10.00
N ARG G 104 8.35 33.72 11.15
CA ARG G 104 8.15 32.55 11.98
C ARG G 104 6.72 32.43 12.45
N MET G 105 6.09 33.57 12.62
CA MET G 105 4.74 33.69 13.09
C MET G 105 3.70 33.03 12.21
N CYS G 106 3.89 33.06 10.91
CA CYS G 106 2.89 32.50 9.94
C CYS G 106 2.47 31.06 10.15
N ARG G 107 3.32 30.25 10.76
CA ARG G 107 2.94 28.88 11.06
C ARG G 107 1.82 28.84 12.10
N ALA G 108 1.89 29.76 13.06
CA ALA G 108 0.90 29.87 14.12
C ALA G 108 -0.47 30.36 13.61
N TYR G 109 -0.50 30.85 12.39
CA TYR G 109 -1.69 31.33 11.72
C TYR G 109 -2.47 30.31 10.89
N ASN G 110 -3.79 30.30 11.09
CA ASN G 110 -4.73 29.49 10.29
C ASN G 110 -5.45 30.36 9.29
N ALA G 111 -5.22 30.08 8.00
CA ALA G 111 -5.62 30.95 6.89
C ALA G 111 -7.07 30.73 6.54
N ASP G 112 -7.59 29.53 6.83
CA ASP G 112 -9.00 29.18 6.60
C ASP G 112 -9.95 30.09 7.42
N ASN G 113 -9.65 30.30 8.70
CA ASN G 113 -10.52 31.12 9.60
C ASN G 113 -9.88 32.40 10.11
N ARG G 114 -8.68 32.70 9.58
CA ARG G 114 -7.96 33.97 9.88
C ARG G 114 -7.71 34.15 11.37
N THR G 115 -7.24 33.11 12.03
CA THR G 115 -6.90 33.18 13.44
C THR G 115 -5.43 32.85 13.63
N VAL G 116 -4.91 33.23 14.78
CA VAL G 116 -3.54 32.92 15.18
C VAL G 116 -3.50 32.24 16.58
N PHE G 117 -2.59 31.31 16.77
CA PHE G 117 -2.34 30.68 18.06
C PHE G 117 -1.64 31.65 18.98
N PHE G 118 -2.34 32.07 20.00
CA PHE G 118 -1.85 33.04 20.97
C PHE G 118 -2.28 32.61 22.40
N GLU G 119 -1.33 32.27 23.27
CA GLU G 119 -1.56 31.91 24.68
C GLU G 119 -2.54 30.76 24.85
N GLY G 120 -2.32 29.70 24.09
CA GLY G 120 -2.97 28.40 24.36
C GLY G 120 -4.12 28.08 23.42
N LYS G 121 -4.70 29.12 22.79
CA LYS G 121 -5.80 28.92 21.83
C LYS G 121 -5.64 29.81 20.59
N TYR G 122 -6.40 29.52 19.56
CA TYR G 122 -6.46 30.30 18.36
C TYR G 122 -7.49 31.43 18.49
N GLY G 123 -7.13 32.60 17.98
CA GLY G 123 -7.98 33.79 18.10
C GLY G 123 -7.82 34.78 16.96
N GLY G 124 -8.89 35.52 16.66
CA GLY G 124 -8.88 36.45 15.53
C GLY G 124 -8.33 37.79 15.93
N MET G 125 -8.31 38.72 14.96
CA MET G 125 -7.81 40.12 15.14
C MET G 125 -8.38 40.82 16.34
N GLU G 126 -9.62 40.44 16.68
CA GLU G 126 -10.41 41.15 17.69
C GLU G 126 -9.80 40.93 19.08
N LEU G 127 -9.03 39.84 19.22
CA LEU G 127 -8.36 39.46 20.45
C LEU G 127 -7.46 40.60 20.93
N PHE G 128 -6.98 41.44 20.01
CA PHE G 128 -5.83 42.39 20.34
C PHE G 128 -6.30 43.83 20.33
N ARG G 129 -7.62 44.05 20.55
CA ARG G 129 -8.20 45.43 20.50
C ARG G 129 -7.61 46.38 21.54
N ALA G 130 -7.21 45.83 22.69
CA ALA G 130 -6.79 46.63 23.82
C ALA G 130 -5.47 47.30 23.56
N LEU G 131 -4.71 46.82 22.55
CA LEU G 131 -3.40 47.40 22.18
C LEU G 131 -3.56 48.75 21.57
N GLY G 132 -4.76 49.05 21.05
CA GLY G 132 -5.05 50.36 20.39
C GLY G 132 -4.21 50.57 19.18
N CYS G 133 -3.84 49.44 18.53
CA CYS G 133 -2.99 49.50 17.35
C CYS G 133 -3.55 48.60 16.32
N SER G 134 -4.78 48.84 15.93
CA SER G 134 -5.57 47.94 15.08
C SER G 134 -4.98 47.79 13.67
N GLU G 135 -4.46 48.89 13.16
CA GLU G 135 -3.86 48.98 11.89
C GLU G 135 -2.63 48.12 11.73
N LEU G 136 -1.83 48.03 12.80
CA LEU G 136 -0.63 47.18 12.87
C LEU G 136 -1.06 45.70 12.92
N ILE G 137 -1.99 45.39 13.82
CA ILE G 137 -2.46 43.98 13.94
C ILE G 137 -3.08 43.44 12.65
N SER G 138 -3.88 44.25 12.00
CA SER G 138 -4.41 43.98 10.67
C SER G 138 -3.33 43.72 9.64
N SER G 139 -2.29 44.56 9.70
CA SER G 139 -1.20 44.45 8.74
C SER G 139 -0.38 43.20 9.02
N ILE G 140 -0.17 42.90 10.30
CA ILE G 140 0.51 41.60 10.67
C ILE G 140 -0.31 40.41 10.23
N PHE G 141 -1.62 40.48 10.31
CA PHE G 141 -2.48 39.44 9.85
C PHE G 141 -2.47 39.28 8.32
N ASP G 142 -2.44 40.39 7.60
CA ASP G 142 -2.30 40.40 6.14
C ASP G 142 -0.99 39.76 5.76
N PHE G 143 0.09 40.19 6.39
CA PHE G 143 1.38 39.60 6.18
C PHE G 143 1.35 38.06 6.39
N SER G 144 0.76 37.65 7.53
CA SER G 144 0.67 36.20 7.78
C SER G 144 -0.21 35.50 6.76
N HIS G 145 -1.25 36.18 6.30
CA HIS G 145 -2.10 35.60 5.29
C HIS G 145 -1.38 35.42 3.92
N SER G 146 -0.62 36.44 3.52
CA SER G 146 0.15 36.42 2.32
C SER G 146 1.27 35.37 2.41
N LEU G 147 1.97 35.27 3.54
CA LEU G 147 3.00 34.23 3.71
C LEU G 147 2.42 32.85 3.71
N SER G 148 1.28 32.66 4.34
CA SER G 148 0.56 31.38 4.34
C SER G 148 0.17 30.90 2.92
N ALA G 149 -0.13 31.84 2.00
CA ALA G 149 -0.55 31.48 0.63
C ALA G 149 0.58 30.74 -0.14
N LEU G 150 1.83 30.93 0.30
CA LEU G 150 2.97 30.39 -0.32
C LEU G 150 3.39 29.00 0.22
N HIS G 151 2.80 28.56 1.28
CA HIS G 151 2.84 27.15 1.78
C HIS G 151 4.26 26.69 2.04
N PHE G 152 5.03 27.53 2.75
CA PHE G 152 6.44 27.17 3.03
C PHE G 152 6.60 25.85 3.77
N SER G 153 7.54 25.05 3.34
CA SER G 153 7.84 23.84 4.06
C SER G 153 8.73 24.20 5.26
N GLU G 154 8.91 23.24 6.15
CA GLU G 154 9.73 23.50 7.32
C GLU G 154 11.16 23.82 6.89
N ASP G 155 11.69 23.09 5.92
CA ASP G 155 13.02 23.34 5.39
C ASP G 155 13.15 24.72 4.74
N GLU G 156 12.17 25.14 3.96
CA GLU G 156 12.19 26.45 3.28
C GLU G 156 12.18 27.62 4.27
N ILE G 157 11.40 27.52 5.37
CA ILE G 157 11.37 28.59 6.45
C ILE G 157 12.72 28.67 7.10
N ALA G 158 13.33 27.50 7.43
CA ALA G 158 14.69 27.54 8.09
C ALA G 158 15.73 28.24 7.22
N LEU G 159 15.73 27.90 5.93
CA LEU G 159 16.68 28.43 4.98
C LEU G 159 16.40 29.91 4.65
N TYR G 160 15.14 30.28 4.48
CA TYR G 160 14.77 31.72 4.20
C TYR G 160 15.11 32.60 5.40
N THR G 161 14.75 32.16 6.59
CA THR G 161 15.02 33.00 7.79
C THR G 161 16.51 33.14 8.10
N ALA G 162 17.26 32.10 7.79
CA ALA G 162 18.73 32.17 7.83
C ALA G 162 19.29 33.24 6.86
N LEU G 163 18.71 33.33 5.65
CA LEU G 163 19.13 34.35 4.66
C LEU G 163 18.67 35.70 5.02
N VAL G 164 17.49 35.81 5.68
CA VAL G 164 17.07 37.09 6.34
C VAL G 164 18.12 37.58 7.32
N LEU G 165 18.66 36.68 8.15
CA LEU G 165 19.71 37.10 9.12
C LEU G 165 21.08 37.38 8.47
N ILE G 166 21.57 36.41 7.67
CA ILE G 166 22.93 36.44 7.16
C ILE G 166 22.98 37.29 5.86
N ASN G 167 23.18 38.58 6.01
CA ASN G 167 23.06 39.54 4.91
C ASN G 167 24.21 40.52 4.98
N ALA G 168 25.03 40.50 3.92
CA ALA G 168 26.40 41.19 4.00
C ALA G 168 26.31 42.64 3.72
N HIS G 169 25.11 43.13 3.42
CA HIS G 169 24.86 44.55 3.11
C HIS G 169 24.49 45.37 4.31
N ARG G 170 24.37 44.71 5.44
CA ARG G 170 24.00 45.47 6.69
C ARG G 170 25.06 46.47 7.12
N PRO G 171 24.73 47.78 7.27
CA PRO G 171 25.71 48.78 7.66
C PRO G 171 26.38 48.50 8.97
N GLY G 172 27.70 48.72 9.05
CA GLY G 172 28.44 48.64 10.31
C GLY G 172 29.02 47.27 10.56
N LEU G 173 29.12 46.45 9.51
CA LEU G 173 29.80 45.13 9.61
C LEU G 173 31.35 45.28 9.62
N GLN G 174 32.02 44.61 10.54
CA GLN G 174 33.47 44.60 10.64
C GLN G 174 34.09 43.67 9.63
N GLU G 175 33.37 42.59 9.30
CA GLU G 175 33.99 41.49 8.53
C GLU G 175 33.04 41.05 7.46
N LYS G 176 32.79 41.96 6.51
CA LYS G 176 31.82 41.77 5.45
C LYS G 176 32.09 40.49 4.60
N ARG G 177 33.36 40.21 4.32
CA ARG G 177 33.73 39.07 3.51
C ARG G 177 33.29 37.78 4.16
N LYS G 178 33.45 37.71 5.47
CA LYS G 178 33.06 36.53 6.20
C LYS G 178 31.55 36.33 6.06
N VAL G 179 30.80 37.42 6.18
CA VAL G 179 29.35 37.38 6.02
C VAL G 179 29.01 36.98 4.61
N GLU G 180 29.75 37.52 3.65
CA GLU G 180 29.49 37.24 2.26
C GLU G 180 29.62 35.77 2.01
N GLN G 181 30.66 35.15 2.55
CA GLN G 181 30.85 33.73 2.35
C GLN G 181 29.71 32.88 2.89
N LEU G 182 29.28 33.23 4.10
CA LEU G 182 28.21 32.51 4.73
C LEU G 182 26.92 32.66 3.95
N GLN G 183 26.64 33.87 3.51
CA GLN G 183 25.39 34.13 2.78
C GLN G 183 25.37 33.38 1.46
N TYR G 184 26.50 33.43 0.75
CA TYR G 184 26.69 32.77 -0.55
C TYR G 184 26.45 31.26 -0.44
N ASN G 185 27.01 30.63 0.58
CA ASN G 185 26.83 29.20 0.78
C ASN G 185 25.37 28.82 1.04
N LEU G 186 24.72 29.58 1.91
CA LEU G 186 23.27 29.41 2.18
C LEU G 186 22.43 29.61 0.94
N GLU G 187 22.83 30.55 0.09
CA GLU G 187 22.15 30.78 -1.19
C GLU G 187 22.28 29.55 -2.12
N LEU G 188 23.50 29.01 -2.25
CA LEU G 188 23.77 27.75 -3.00
C LEU G 188 22.88 26.66 -2.52
N ALA G 189 22.81 26.51 -1.19
CA ALA G 189 22.13 25.41 -0.57
C ALA G 189 20.66 25.52 -0.78
N PHE G 190 20.13 26.74 -0.58
CA PHE G 190 18.72 27.01 -0.77
C PHE G 190 18.31 26.83 -2.21
N HIS G 191 19.13 27.37 -3.11
CA HIS G 191 18.87 27.24 -4.57
C HIS G 191 18.84 25.81 -4.98
N HIS G 192 19.75 25.00 -4.44
CA HIS G 192 19.78 23.60 -4.75
C HIS G 192 18.51 22.92 -4.26
N HIS G 193 18.09 23.29 -3.06
CA HIS G 193 16.89 22.72 -2.48
C HIS G 193 15.68 23.09 -3.29
N LEU G 194 15.62 24.33 -3.72
CA LEU G 194 14.51 24.80 -4.51
C LEU G 194 14.40 24.07 -5.85
N CYS G 195 15.55 23.78 -6.46
CA CYS G 195 15.56 23.10 -7.74
C CYS G 195 14.95 21.71 -7.72
N LYS G 196 15.29 20.89 -6.74
CA LYS G 196 14.74 19.56 -6.69
C LYS G 196 13.25 19.58 -6.47
N THR G 197 12.80 20.49 -5.62
CA THR G 197 11.41 20.64 -5.30
C THR G 197 10.67 21.43 -6.36
N HIS G 198 11.42 22.01 -7.29
CA HIS G 198 10.78 22.80 -8.34
C HIS G 198 9.96 23.97 -7.78
N ARG G 199 10.52 24.64 -6.79
CA ARG G 199 9.86 25.75 -6.14
C ARG G 199 10.67 27.04 -6.27
N GLN G 200 11.33 27.19 -7.40
CA GLN G 200 12.24 28.30 -7.62
C GLN G 200 11.62 29.67 -7.51
N SER G 201 10.38 29.81 -7.95
CA SER G 201 9.74 31.11 -7.99
C SER G 201 9.00 31.61 -6.76
N ILE G 202 9.13 30.93 -5.64
CA ILE G 202 8.35 31.33 -4.42
C ILE G 202 8.85 32.61 -3.81
N LEU G 203 10.14 32.88 -3.98
CA LEU G 203 10.76 34.04 -3.38
C LEU G 203 10.45 35.35 -4.13
N ALA G 204 10.00 35.23 -5.39
CA ALA G 204 9.57 36.41 -6.17
C ALA G 204 8.33 37.11 -5.60
N LYS G 205 7.54 36.35 -4.84
CA LYS G 205 6.19 36.69 -4.45
C LYS G 205 6.15 37.47 -3.13
N LEU G 206 7.22 37.40 -2.35
CA LEU G 206 7.17 37.53 -0.88
C LEU G 206 6.68 38.89 -0.43
N PRO G 207 5.78 38.94 0.57
CA PRO G 207 5.38 40.23 1.19
C PRO G 207 6.52 40.92 1.93
N PRO G 208 6.65 42.27 1.78
CA PRO G 208 7.72 43.01 2.40
C PRO G 208 7.50 43.13 3.89
N ALA G 209 8.55 42.91 4.68
CA ALA G 209 8.42 42.68 6.10
C ALA G 209 9.13 43.72 6.95
N GLY G 210 9.96 44.57 6.32
CA GLY G 210 10.80 45.53 7.03
C GLY G 210 10.00 46.56 7.81
N LYS G 211 8.97 47.10 7.18
CA LYS G 211 8.15 48.11 7.82
C LYS G 211 7.43 47.60 9.04
N LEU G 212 6.85 46.42 8.93
CA LEU G 212 6.14 45.82 10.04
C LEU G 212 7.04 45.51 11.21
N ALA G 213 8.20 44.95 10.90
CA ALA G 213 9.15 44.56 11.91
C ALA G 213 9.64 45.75 12.69
N SER G 214 9.82 46.85 11.98
CA SER G 214 10.27 48.09 12.60
C SER G 214 9.30 48.56 13.67
N LEU G 215 8.03 48.54 13.32
CA LEU G 215 6.97 49.02 14.22
C LEU G 215 6.87 48.13 15.47
N CYS G 216 6.98 46.80 15.29
CA CYS G 216 7.09 45.85 16.42
C CYS G 216 8.29 46.13 17.28
N SER G 217 9.45 46.42 16.65
CA SER G 217 10.69 46.68 17.44
C SER G 217 10.59 47.95 18.22
N GLN G 218 9.96 48.95 17.62
CA GLN G 218 9.75 50.24 18.27
C GLN G 218 8.85 50.09 19.49
N HIS G 219 7.78 49.31 19.34
CA HIS G 219 6.87 49.09 20.44
C HIS G 219 7.58 48.38 21.57
N VAL G 220 8.39 47.38 21.23
CA VAL G 220 9.13 46.61 22.21
C VAL G 220 10.06 47.54 22.97
N GLU G 221 10.70 48.46 22.25
CA GLU G 221 11.57 49.44 22.88
C GLU G 221 10.81 50.44 23.77
N ARG G 222 9.66 50.92 23.29
CA ARG G 222 8.81 51.85 24.08
C ARG G 222 8.46 51.26 25.47
N LEU G 223 8.14 49.97 25.51
CA LEU G 223 7.77 49.32 26.74
C LEU G 223 8.96 49.17 27.67
N GLN G 224 10.16 49.03 27.08
CA GLN G 224 11.39 49.08 27.87
C GLN G 224 11.63 50.40 28.56
N ILE G 225 11.44 51.47 27.77
CA ILE G 225 11.84 52.82 28.19
C ILE G 225 11.00 53.31 29.34
N PHE G 226 9.73 52.90 29.37
CA PHE G 226 8.69 53.54 30.16
C PHE G 226 8.16 52.63 31.26
N GLN G 227 8.94 51.59 31.59
CA GLN G 227 8.55 50.60 32.59
C GLN G 227 8.44 51.20 34.03
N HIS G 228 9.09 52.34 34.26
CA HIS G 228 9.15 52.96 35.57
C HIS G 228 7.88 53.75 35.90
N LEU G 229 7.01 53.94 34.90
CA LEU G 229 5.73 54.65 35.11
C LEU G 229 4.51 53.68 35.07
N HIS G 230 4.78 52.38 35.20
CA HIS G 230 3.79 51.34 35.22
C HIS G 230 4.15 50.26 36.28
N PRO G 231 3.15 49.46 36.73
CA PRO G 231 3.43 48.47 37.82
C PRO G 231 4.50 47.45 37.43
N ILE G 232 5.37 47.08 38.37
CA ILE G 232 6.45 46.11 38.12
C ILE G 232 5.87 44.73 37.80
N VAL G 233 6.45 44.06 36.80
CA VAL G 233 6.00 42.73 36.39
C VAL G 233 6.99 41.61 36.77
N THR H 1 15.07 47.38 14.89
CA THR H 1 16.42 47.88 14.63
C THR H 1 16.74 49.10 15.49
N ASN H 2 16.70 48.91 16.80
CA ASN H 2 16.97 49.99 17.73
C ASN H 2 17.70 49.50 18.96
N MET H 3 17.99 50.40 19.88
CA MET H 3 18.70 50.02 21.09
C MET H 3 17.92 49.05 22.01
N GLY H 4 16.60 49.10 22.02
CA GLY H 4 15.86 48.19 22.86
C GLY H 4 16.03 46.76 22.38
N LEU H 5 15.96 46.57 21.08
CA LEU H 5 16.17 45.27 20.48
C LEU H 5 17.60 44.81 20.72
N GLU H 6 18.55 45.73 20.63
CA GLU H 6 19.94 45.39 20.85
C GLU H 6 20.17 44.86 22.24
N ALA H 7 19.55 45.45 23.25
CA ALA H 7 19.75 45.00 24.61
C ALA H 7 19.35 43.53 24.75
N ILE H 8 18.19 43.19 24.23
CA ILE H 8 17.70 41.79 24.24
C ILE H 8 18.69 40.85 23.60
N ILE H 9 19.26 41.34 22.51
CA ILE H 9 20.16 40.54 21.69
C ILE H 9 21.50 40.33 22.41
N ARG H 10 22.03 41.40 23.00
CA ARG H 10 23.29 41.36 23.77
C ARG H 10 23.17 40.35 24.89
N LYS H 11 22.03 40.37 25.56
CA LYS H 11 21.78 39.48 26.67
C LYS H 11 21.62 38.06 26.27
N ALA H 12 20.90 37.82 25.19
CA ALA H 12 20.66 36.45 24.71
C ALA H 12 21.94 35.82 24.07
N LEU H 13 22.80 36.66 23.51
CA LEU H 13 24.07 36.19 22.95
C LEU H 13 24.89 35.62 24.10
N MET H 14 24.81 36.29 25.26
CA MET H 14 25.37 35.84 26.49
C MET H 14 24.39 34.85 27.15
N GLY H 15 24.81 34.21 28.22
CA GLY H 15 23.96 33.24 28.89
C GLY H 15 22.57 33.73 29.27
C5 82R I . -9.18 -24.39 10.20
C6 82R I . -10.00 -25.09 9.10
O1 82R I . -11.04 -26.08 12.29
C7 82R I . -9.03 -25.58 11.16
C8 82R I . -10.29 -24.26 7.85
C9 82R I . -8.92 -23.81 7.26
C10 82R I . -10.38 -26.30 11.06
C11 82R I . -9.05 -23.07 5.88
C12 82R I . -11.14 -25.73 9.87
C13 82R I . -7.84 -23.93 9.59
C14 82R I . -8.02 -23.11 8.29
C15 82R I . -8.88 -25.32 12.66
O2 82R I . -7.12 -23.17 10.52
O4 82R I . -8.50 -22.97 1.62
C27 82R I . -8.48 -23.45 2.94
C25 82R I . -7.60 -22.55 3.77
C21 82R I . -7.63 -22.87 5.26
C23 82R I . -9.75 -21.71 6.05
C20 82R I . -9.93 -23.20 10.87
C22 82R I . -9.90 -23.53 3.50
C16 82R I . -9.86 -24.01 4.94
C19 82R I . -11.24 -24.34 5.48
C17 82R I . -11.12 -25.04 6.83
C24 82R I . -7.48 -25.61 13.16
C18 82R I . -10.00 -26.17 13.26
C26 82R I . -10.51 -25.66 14.61
C28 82R I . -11.61 -26.55 15.14
C30 82R I . -11.16 -28.01 15.14
C31 82R I . -12.25 -28.97 15.59
C29 82R I . -10.63 -28.38 13.76
O3 82R I . -9.58 -27.52 13.40
C5 82R J . 14.59 -24.17 -19.58
C6 82R J . 15.24 -23.01 -18.82
O1 82R J . 17.58 -25.46 -19.81
C7 82R J . 15.45 -25.33 -19.02
C8 82R J . 14.56 -21.65 -19.08
C9 82R J . 13.04 -21.78 -18.61
C10 82R J . 16.85 -24.73 -18.85
C11 82R J . 12.23 -20.46 -18.72
C12 82R J . 16.76 -23.20 -19.05
C13 82R J . 13.10 -24.28 -19.09
C14 82R J . 12.36 -22.98 -19.28
C15 82R J . 15.68 -26.67 -19.67
O2 82R J . 12.35 -25.25 -19.88
O4 82R J . 10.61 -17.04 -16.57
C27 82R J . 11.12 -18.31 -16.86
C25 82R J . 10.18 -19.20 -17.66
C21 82R J . 10.86 -20.58 -17.91
C23 82R J . 11.98 -20.14 -20.24
C20 82R J . 14.68 -24.15 -21.15
C22 82R J . 12.40 -18.05 -17.62
C16 82R J . 13.06 -19.40 -17.94
C19 82R J . 14.56 -19.22 -18.33
C17 82R J . 15.27 -20.56 -18.28
C24 82R J . 14.91 -27.89 -19.11
C18 82R J . 17.22 -26.82 -19.61
C26 82R J . 17.79 -27.78 -20.66
C28 82R J . 19.30 -28.03 -20.53
C30 82R J . 19.80 -28.22 -19.10
C31 82R J . 21.34 -28.17 -19.00
C29 82R J . 19.14 -27.23 -18.11
O3 82R J . 17.68 -27.33 -18.35
C5 82R K . -9.15 12.38 -9.18
C6 82R K . -10.00 11.99 -7.94
O1 82R K . -11.88 11.30 -10.96
C7 82R K . -10.34 12.90 -10.09
C8 82R K . -9.23 11.52 -6.73
C9 82R K . -8.25 12.62 -6.30
C10 82R K . -11.50 12.00 -9.73
C11 82R K . -7.49 12.31 -4.98
C12 82R K . -11.06 11.13 -8.56
C13 82R K . -8.19 13.50 -8.77
C14 82R K . -7.39 13.24 -7.46
C15 82R K . -10.29 12.90 -11.60
O2 82R K . -7.20 13.62 -9.82
O4 82R K . -7.03 13.38 -0.82
C27 82R K . -7.56 13.41 -2.13
C25 82R K . -6.32 13.62 -3.06
C21 82R K . -6.72 13.57 -4.54
C23 82R K . -6.37 11.28 -5.26
C20 82R K . -8.35 11.20 -9.88
C22 82R K . -8.15 12.04 -2.41
C16 82R K . -8.60 12.00 -3.89
C19 82R K . -9.39 10.76 -4.25
C17 82R K . -10.18 11.11 -5.56
C24 82R K . -10.01 14.31 -12.22
C18 82R K . -11.58 12.22 -12.00
C26 82R K . -11.41 11.46 -13.31
C28 82R K . -12.75 10.86 -13.79
C30 82R K . -13.79 11.96 -13.80
C31 82R K . -15.13 11.28 -14.02
C29 82R K . -13.87 12.66 -12.47
O3 82R K . -12.59 13.18 -12.05
C5 82R L . 2.97 35.55 18.47
C6 82R L . 4.26 35.65 17.66
O1 82R L . 3.19 39.01 18.27
C7 82R L . 2.28 36.84 17.87
C8 82R L . 5.22 34.48 17.85
C9 82R L . 4.49 33.14 17.44
C10 82R L . 3.42 37.81 17.57
C11 82R L . 5.43 31.89 17.64
C12 82R L . 4.72 37.10 17.96
C13 82R L . 2.25 34.25 18.14
C14 82R L . 3.13 32.99 18.18
C15 82R L . 1.33 37.68 18.70
O2 82R L . 1.06 34.12 18.93
O4 82R L . 7.57 28.64 15.85
C27 82R L . 6.83 29.82 15.94
C25 82R L . 5.61 29.42 16.73
C21 82R L . 4.72 30.64 16.99
C23 82R L . 5.72 31.58 19.16
C20 82R L . 3.20 35.64 20.02
C22 82R L . 7.66 30.91 16.58
C16 82R L . 6.73 32.12 16.77
C19 82R L . 7.47 33.38 17.17
C17 82R L . 6.54 34.62 17.07
C24 82R L . -0.12 37.45 18.22
C18 82R L . 1.81 39.12 18.51
C26 82R L . 1.56 39.98 19.77
C28 82R L . 1.87 41.49 19.47
C30 82R L . 1.31 41.95 18.09
C31 82R L . 1.96 43.26 17.61
C29 82R L . 1.57 41.00 16.95
O3 82R L . 1.22 39.65 17.30
#